data_1O1R
#
_entry.id   1O1R
#
_cell.length_a   171.65
_cell.length_b   171.65
_cell.length_c   69.08
_cell.angle_alpha   90.0
_cell.angle_beta   90.0
_cell.angle_gamma   120.0
#
_symmetry.space_group_name_H-M   'P 61'
#
loop_
_entity.id
_entity.type
_entity.pdbx_description
1 polymer 'Protein farnesyltransferase alpha subunit'
2 polymer 'Protein farnesyltransferase beta subunit'
3 non-polymer 'ZINC ION'
4 non-polymer 'GERANYLGERANYL DIPHOSPHATE'
5 water water
#
loop_
_entity_poly.entity_id
_entity_poly.type
_entity_poly.pdbx_seq_one_letter_code
_entity_poly.pdbx_strand_id
1 'polypeptide(L)'
;GSHMAATEGVGESAPGGEPGQPEQPPPPPPPPPAQQPQEEEMAAEAGEAAASPMDDGFLSLDSPTYVLYRDRAEWADIDP
VPQNDGPSPVVQIIYSEKFRDVYDYFRAVLQRDERSERAFKLTRDAIELNAANYTVWHFRRVLLRSLQKDLQEEMNYITA
IIEEQPKNYQVWHHRRVLVEWLKDPSQELEFIADILNQDAKNYHAWQHRQWVIQEFRLWDNELQYVDQLLKEDVRNNSVW
NQRHFVISNTTGYSDRAVLEREVQYTLEMIKLVPHNESAWNYLKGILQDRGLSRYPNLLNQLLDLQPSHSSPYLIAFLVD
IYEDMLENQCDNKEDILNKALELCEILAKEKDTIRKEYWRYIGRSLQSKHSRESDIPASV
;
A
2 'polypeptide(L)'
;MASSSSFTYYCPPSSSPVWSEPLYSLRPEHARERLQDDSVETVTSIEQAKVEEKIQEVFSSYKFNHLVPRLVLQREKHFH
YLKRGLRQLTDAYECLDASRPWLCYWILHSLELLDEPIPQIVATDVCQFLELCQSPDGGFGGGPGQYPHLAPTYAAVNAL
CIIGTEEAYNVINREKLLQYLYSLKQPDGSFLMHVGGEVDVRSAYCAASVASLTNIITPDLFEGTAEWIARCQNWEGGIG
GVPGMEAHGGYTFCGLAALVILKKERSLNLKSLLQWVTSRQMRFEGGFQGRCNKLVDGCYSFWQAGLLPLLHRALHAQGD
PALSMSHWMFHQQALQEYILMCCQCPAGGLLDKPGKSRDFYHTCYCLSGLSIAQHFGSGAMLHDVVMGVPENVLQPTHPV
YNIGPDKVIQATTHFLQKPVPGFEECE
;
B
#
loop_
_chem_comp.id
_chem_comp.type
_chem_comp.name
_chem_comp.formula
GRG non-polymer 'GERANYLGERANYL DIPHOSPHATE' 'C20 H36 O7 P2'
ZN non-polymer 'ZINC ION' 'Zn 2'
#
# COMPACT_ATOMS: atom_id res chain seq x y z
N GLY A 57 -36.50 12.92 11.10
CA GLY A 57 -36.06 13.22 12.50
C GLY A 57 -34.80 12.46 12.90
N PHE A 58 -33.65 13.01 12.51
CA PHE A 58 -32.35 12.39 12.80
C PHE A 58 -31.74 12.59 14.19
N LEU A 59 -32.09 11.70 15.13
CA LEU A 59 -31.54 11.79 16.48
C LEU A 59 -30.06 11.42 16.37
N SER A 60 -29.21 12.45 16.38
CA SER A 60 -27.76 12.31 16.27
C SER A 60 -27.20 11.23 17.19
N LEU A 61 -26.26 10.44 16.68
CA LEU A 61 -25.63 9.39 17.45
C LEU A 61 -24.81 10.02 18.56
N ASP A 62 -24.52 11.31 18.39
CA ASP A 62 -23.73 12.09 19.32
C ASP A 62 -24.60 12.95 20.25
N SER A 63 -25.90 12.97 19.96
CA SER A 63 -26.87 13.75 20.71
C SER A 63 -26.87 13.32 22.17
N PRO A 64 -26.89 14.31 23.09
CA PRO A 64 -26.91 13.99 24.53
C PRO A 64 -28.18 13.21 24.90
N THR A 65 -29.24 13.43 24.12
CA THR A 65 -30.53 12.78 24.33
C THR A 65 -30.75 11.57 23.43
N TYR A 66 -29.66 11.03 22.87
CA TYR A 66 -29.74 9.85 22.02
C TYR A 66 -30.17 8.69 22.91
N VAL A 67 -31.13 7.89 22.45
CA VAL A 67 -31.59 6.71 23.22
C VAL A 67 -31.36 5.44 22.42
N LEU A 68 -31.00 4.35 23.10
CA LEU A 68 -30.77 3.08 22.43
C LEU A 68 -32.00 2.65 21.63
N TYR A 69 -31.75 1.95 20.52
CA TYR A 69 -32.81 1.48 19.65
C TYR A 69 -33.81 0.57 20.38
N ARG A 70 -33.29 -0.22 21.32
CA ARG A 70 -34.14 -1.12 22.08
C ARG A 70 -35.04 -0.37 23.04
N ASP A 71 -34.73 0.91 23.26
CA ASP A 71 -35.56 1.74 24.12
C ASP A 71 -36.47 2.59 23.25
N ARG A 72 -36.40 2.44 21.93
CA ARG A 72 -37.24 3.24 21.04
C ARG A 72 -38.57 2.56 20.68
N ALA A 73 -39.65 3.31 20.87
CA ALA A 73 -41.01 2.84 20.64
C ALA A 73 -41.31 2.50 19.19
N GLU A 74 -40.88 3.37 18.28
CA GLU A 74 -41.09 3.16 16.85
C GLU A 74 -40.32 1.96 16.28
N TRP A 75 -39.61 1.25 17.15
CA TRP A 75 -38.82 0.07 16.77
C TRP A 75 -39.25 -1.14 17.57
N ALA A 76 -40.11 -0.94 18.56
CA ALA A 76 -40.59 -2.00 19.48
C ALA A 76 -41.10 -3.31 18.90
N ASP A 77 -41.58 -3.25 17.67
CA ASP A 77 -42.10 -4.42 17.01
C ASP A 77 -41.01 -5.40 16.62
N ILE A 78 -39.92 -4.88 16.06
CA ILE A 78 -38.81 -5.70 15.61
C ILE A 78 -37.88 -6.25 16.67
N ASP A 79 -37.46 -7.48 16.47
CA ASP A 79 -36.56 -8.13 17.41
C ASP A 79 -35.14 -8.03 16.86
N PRO A 80 -34.22 -7.46 17.65
CA PRO A 80 -32.82 -7.32 17.24
C PRO A 80 -32.15 -8.67 17.06
N VAL A 81 -31.38 -8.79 15.98
CA VAL A 81 -30.68 -10.03 15.69
C VAL A 81 -29.23 -9.87 16.09
N PRO A 82 -28.77 -10.62 17.09
CA PRO A 82 -27.39 -10.55 17.54
C PRO A 82 -26.43 -11.26 16.60
N GLN A 83 -25.15 -10.96 16.74
CA GLN A 83 -24.14 -11.56 15.88
C GLN A 83 -23.77 -12.98 16.25
N ASN A 84 -23.71 -13.83 15.23
CA ASN A 84 -23.34 -15.23 15.36
C ASN A 84 -21.81 -15.37 15.26
N ASP A 85 -21.12 -15.27 16.38
CA ASP A 85 -19.67 -15.39 16.41
C ASP A 85 -19.18 -16.83 16.63
N GLY A 86 -20.15 -17.74 16.76
CA GLY A 86 -19.80 -19.13 17.01
C GLY A 86 -19.61 -19.38 18.49
N PRO A 87 -19.63 -20.66 18.91
CA PRO A 87 -19.45 -21.05 20.31
C PRO A 87 -18.07 -20.71 20.87
N SER A 88 -17.07 -20.71 20.00
CA SER A 88 -15.71 -20.41 20.43
C SER A 88 -15.16 -19.23 19.62
N PRO A 89 -15.63 -18.01 19.93
CA PRO A 89 -15.21 -16.78 19.26
C PRO A 89 -13.72 -16.50 19.27
N VAL A 90 -13.24 -15.97 18.13
CA VAL A 90 -11.84 -15.56 17.97
C VAL A 90 -11.86 -14.09 17.48
N VAL A 91 -10.78 -13.36 17.75
CA VAL A 91 -10.67 -11.93 17.43
C VAL A 91 -12.05 -11.29 17.67
N GLN A 92 -12.63 -11.64 18.81
CA GLN A 92 -13.94 -11.17 19.21
C GLN A 92 -13.91 -9.82 19.90
N ILE A 93 -14.61 -8.85 19.31
CA ILE A 93 -14.65 -7.51 19.84
C ILE A 93 -15.71 -7.31 20.91
N ILE A 94 -15.31 -6.74 22.04
CA ILE A 94 -16.22 -6.50 23.14
C ILE A 94 -16.89 -5.16 22.86
N TYR A 95 -17.92 -5.19 22.03
CA TYR A 95 -18.60 -3.97 21.63
C TYR A 95 -19.21 -3.21 22.76
N SER A 96 -19.33 -1.91 22.54
CA SER A 96 -19.96 -1.02 23.47
C SER A 96 -21.44 -1.30 23.37
N GLU A 97 -22.21 -0.73 24.29
CA GLU A 97 -23.65 -0.88 24.33
C GLU A 97 -24.34 -0.32 23.07
N LYS A 98 -23.94 0.90 22.69
CA LYS A 98 -24.48 1.58 21.50
C LYS A 98 -24.17 0.84 20.21
N PHE A 99 -22.90 0.49 20.02
CA PHE A 99 -22.48 -0.21 18.82
C PHE A 99 -23.27 -1.47 18.65
N ARG A 100 -23.18 -2.32 19.67
CA ARG A 100 -23.88 -3.60 19.75
C ARG A 100 -25.38 -3.41 19.47
N ASP A 101 -25.96 -2.34 20.04
CA ASP A 101 -27.38 -2.04 19.89
C ASP A 101 -27.74 -1.75 18.43
N VAL A 102 -27.05 -0.78 17.81
CA VAL A 102 -27.31 -0.42 16.41
C VAL A 102 -27.12 -1.57 15.42
N TYR A 103 -26.07 -2.36 15.61
CA TYR A 103 -25.81 -3.48 14.72
C TYR A 103 -26.77 -4.63 14.84
N ASP A 104 -27.24 -4.91 16.06
CA ASP A 104 -28.21 -5.99 16.26
C ASP A 104 -29.49 -5.62 15.54
N TYR A 105 -29.81 -4.33 15.56
CA TYR A 105 -30.99 -3.86 14.87
C TYR A 105 -30.73 -3.80 13.37
N PHE A 106 -29.51 -3.43 12.97
CA PHE A 106 -29.18 -3.36 11.54
C PHE A 106 -29.36 -4.75 10.94
N ARG A 107 -28.87 -5.75 11.69
CA ARG A 107 -28.93 -7.14 11.26
C ARG A 107 -30.39 -7.57 11.08
N ALA A 108 -31.24 -7.13 11.99
CA ALA A 108 -32.65 -7.45 11.93
C ALA A 108 -33.28 -6.87 10.66
N VAL A 109 -33.12 -5.58 10.39
CA VAL A 109 -33.72 -4.99 9.19
C VAL A 109 -33.13 -5.55 7.88
N LEU A 110 -31.85 -5.89 7.91
CA LEU A 110 -31.18 -6.41 6.72
C LEU A 110 -31.64 -7.81 6.44
N GLN A 111 -31.70 -8.62 7.50
CA GLN A 111 -32.13 -10.00 7.38
C GLN A 111 -33.54 -10.13 6.83
N ARG A 112 -34.41 -9.18 7.15
CA ARG A 112 -35.76 -9.24 6.63
C ARG A 112 -35.90 -8.33 5.42
N ASP A 113 -34.77 -7.82 4.96
CA ASP A 113 -34.72 -6.93 3.81
C ASP A 113 -35.77 -5.83 3.88
N GLU A 114 -35.95 -5.29 5.09
CA GLU A 114 -36.92 -4.23 5.33
C GLU A 114 -36.45 -2.89 4.77
N ARG A 115 -37.02 -2.51 3.64
CA ARG A 115 -36.63 -1.27 2.99
C ARG A 115 -37.48 -0.10 3.41
N SER A 116 -37.28 0.30 4.68
CA SER A 116 -38.04 1.39 5.28
C SER A 116 -37.23 2.66 5.53
N GLU A 117 -37.97 3.73 5.79
CA GLU A 117 -37.36 5.02 6.09
C GLU A 117 -36.64 4.91 7.42
N ARG A 118 -37.16 4.08 8.31
CA ARG A 118 -36.52 3.92 9.60
C ARG A 118 -35.20 3.15 9.42
N ALA A 119 -35.20 2.14 8.55
CA ALA A 119 -33.99 1.36 8.30
C ALA A 119 -32.93 2.26 7.67
N PHE A 120 -33.37 3.14 6.76
CA PHE A 120 -32.49 4.07 6.09
C PHE A 120 -31.79 4.99 7.11
N LYS A 121 -32.56 5.52 8.06
CA LYS A 121 -32.00 6.39 9.08
C LYS A 121 -31.05 5.62 9.99
N LEU A 122 -31.33 4.34 10.22
CA LEU A 122 -30.48 3.48 11.04
C LEU A 122 -29.12 3.19 10.40
N THR A 123 -29.09 2.92 9.09
CA THR A 123 -27.82 2.65 8.43
C THR A 123 -26.87 3.82 8.68
N ARG A 124 -27.41 5.03 8.73
CA ARG A 124 -26.59 6.18 8.96
C ARG A 124 -25.86 6.05 10.30
N ASP A 125 -26.55 5.56 11.32
CA ASP A 125 -25.93 5.40 12.63
C ASP A 125 -24.89 4.28 12.60
N ALA A 126 -25.18 3.24 11.85
CA ALA A 126 -24.28 2.10 11.74
C ALA A 126 -23.03 2.49 10.93
N ILE A 127 -23.20 3.44 10.02
CA ILE A 127 -22.11 3.92 9.22
C ILE A 127 -21.23 4.78 10.12
N GLU A 128 -21.85 5.61 10.95
CA GLU A 128 -21.10 6.48 11.83
C GLU A 128 -20.33 5.70 12.88
N LEU A 129 -20.84 4.54 13.27
CA LEU A 129 -20.17 3.72 14.25
C LEU A 129 -18.99 3.01 13.59
N ASN A 130 -19.13 2.68 12.32
CA ASN A 130 -18.04 2.05 11.59
C ASN A 130 -18.23 2.29 10.09
N ALA A 131 -17.62 3.38 9.61
CA ALA A 131 -17.74 3.78 8.22
C ALA A 131 -17.12 2.81 7.23
N ALA A 132 -16.37 1.85 7.73
CA ALA A 132 -15.73 0.87 6.87
C ALA A 132 -16.61 -0.36 6.63
N ASN A 133 -17.79 -0.40 7.25
CA ASN A 133 -18.67 -1.55 7.05
C ASN A 133 -19.32 -1.38 5.69
N TYR A 134 -18.75 -2.06 4.69
CA TYR A 134 -19.23 -1.97 3.32
C TYR A 134 -20.60 -2.64 3.08
N THR A 135 -20.98 -3.57 3.96
CA THR A 135 -22.27 -4.24 3.85
C THR A 135 -23.39 -3.23 4.15
N VAL A 136 -23.14 -2.40 5.16
CA VAL A 136 -24.10 -1.36 5.54
C VAL A 136 -24.19 -0.34 4.42
N TRP A 137 -23.05 0.08 3.86
CA TRP A 137 -23.05 1.06 2.78
C TRP A 137 -23.85 0.55 1.59
N HIS A 138 -23.75 -0.75 1.32
CA HIS A 138 -24.47 -1.39 0.24
C HIS A 138 -25.97 -1.31 0.49
N PHE A 139 -26.42 -1.79 1.65
CA PHE A 139 -27.84 -1.73 1.97
C PHE A 139 -28.30 -0.29 1.90
N ARG A 140 -27.44 0.67 2.26
CA ARG A 140 -27.85 2.07 2.20
C ARG A 140 -28.10 2.50 0.79
N ARG A 141 -27.30 2.04 -0.16
CA ARG A 141 -27.58 2.43 -1.53
C ARG A 141 -28.83 1.73 -2.05
N VAL A 142 -29.14 0.56 -1.49
CA VAL A 142 -30.35 -0.19 -1.85
C VAL A 142 -31.56 0.67 -1.46
N LEU A 143 -31.54 1.20 -0.23
CA LEU A 143 -32.60 2.05 0.27
C LEU A 143 -32.68 3.40 -0.42
N LEU A 144 -31.55 3.93 -0.87
CA LEU A 144 -31.58 5.23 -1.56
C LEU A 144 -32.43 5.12 -2.83
N ARG A 145 -32.37 3.97 -3.50
CA ARG A 145 -33.13 3.74 -4.73
C ARG A 145 -34.56 3.30 -4.47
N SER A 146 -34.76 2.34 -3.57
CA SER A 146 -36.11 1.89 -3.21
C SER A 146 -36.97 3.05 -2.70
N LEU A 147 -36.51 3.76 -1.66
CA LEU A 147 -37.26 4.88 -1.10
C LEU A 147 -37.22 6.11 -1.99
N GLN A 148 -36.47 6.06 -3.08
CA GLN A 148 -36.36 7.21 -3.97
C GLN A 148 -35.97 8.46 -3.17
N LYS A 149 -34.84 8.40 -2.46
CA LYS A 149 -34.37 9.52 -1.63
C LYS A 149 -33.79 10.64 -2.46
N ASP A 150 -33.88 11.87 -1.95
CA ASP A 150 -33.31 13.00 -2.68
C ASP A 150 -31.79 12.81 -2.64
N LEU A 151 -31.22 12.51 -3.81
CA LEU A 151 -29.79 12.28 -3.92
C LEU A 151 -28.95 13.53 -3.69
N GLN A 152 -29.57 14.70 -3.78
CA GLN A 152 -28.81 15.89 -3.53
C GLN A 152 -28.61 16.07 -2.02
N GLU A 153 -29.59 15.63 -1.24
CA GLU A 153 -29.48 15.74 0.20
C GLU A 153 -28.42 14.71 0.63
N GLU A 154 -28.37 13.58 -0.08
CA GLU A 154 -27.39 12.52 0.19
C GLU A 154 -25.96 13.00 -0.15
N MET A 155 -25.83 13.94 -1.10
CA MET A 155 -24.53 14.48 -1.46
C MET A 155 -24.07 15.37 -0.33
N ASN A 156 -25.02 16.04 0.31
CA ASN A 156 -24.69 16.91 1.43
C ASN A 156 -24.21 16.04 2.57
N TYR A 157 -24.85 14.90 2.73
CA TYR A 157 -24.51 13.95 3.76
C TYR A 157 -23.09 13.43 3.50
N ILE A 158 -22.86 12.84 2.34
CA ILE A 158 -21.55 12.31 2.03
C ILE A 158 -20.45 13.38 2.05
N THR A 159 -20.82 14.64 1.83
CA THR A 159 -19.84 15.71 1.86
C THR A 159 -19.35 15.88 3.30
N ALA A 160 -20.27 15.75 4.24
CA ALA A 160 -19.96 15.90 5.65
C ALA A 160 -19.11 14.76 6.19
N ILE A 161 -19.49 13.52 5.90
CA ILE A 161 -18.76 12.34 6.38
C ILE A 161 -17.35 12.24 5.82
N ILE A 162 -17.17 12.64 4.57
CA ILE A 162 -15.85 12.61 3.96
C ILE A 162 -14.96 13.64 4.64
N GLU A 163 -15.51 14.80 4.98
CA GLU A 163 -14.71 15.84 5.65
C GLU A 163 -14.19 15.28 6.98
N GLU A 164 -15.00 14.43 7.61
CA GLU A 164 -14.65 13.80 8.89
C GLU A 164 -13.74 12.59 8.74
N GLN A 165 -13.94 11.82 7.67
CA GLN A 165 -13.16 10.63 7.43
C GLN A 165 -12.68 10.63 6.00
N PRO A 166 -11.81 11.59 5.63
CA PRO A 166 -11.28 11.71 4.27
C PRO A 166 -10.39 10.60 3.77
N LYS A 167 -10.04 9.67 4.66
CA LYS A 167 -9.17 8.57 4.27
C LYS A 167 -9.89 7.23 4.19
N ASN A 168 -11.20 7.26 4.40
CA ASN A 168 -12.03 6.07 4.32
C ASN A 168 -12.33 5.80 2.85
N TYR A 169 -12.27 4.54 2.45
CA TYR A 169 -12.55 4.12 1.06
C TYR A 169 -14.04 4.21 0.71
N GLN A 170 -14.88 3.68 1.60
CA GLN A 170 -16.33 3.65 1.40
C GLN A 170 -16.97 4.99 1.18
N VAL A 171 -16.53 5.99 1.93
CA VAL A 171 -17.13 7.28 1.81
C VAL A 171 -16.89 7.85 0.43
N TRP A 172 -15.69 7.66 -0.13
CA TRP A 172 -15.39 8.19 -1.46
C TRP A 172 -16.10 7.44 -2.60
N HIS A 173 -16.18 6.12 -2.49
CA HIS A 173 -16.86 5.30 -3.48
C HIS A 173 -18.34 5.66 -3.54
N HIS A 174 -18.93 5.88 -2.38
CA HIS A 174 -20.32 6.27 -2.28
C HIS A 174 -20.55 7.60 -3.00
N ARG A 175 -19.68 8.57 -2.76
CA ARG A 175 -19.79 9.86 -3.41
C ARG A 175 -19.73 9.67 -4.93
N ARG A 176 -18.86 8.78 -5.39
CA ARG A 176 -18.71 8.50 -6.81
C ARG A 176 -20.00 7.93 -7.40
N VAL A 177 -20.57 6.94 -6.71
CA VAL A 177 -21.83 6.34 -7.12
C VAL A 177 -22.95 7.42 -7.21
N LEU A 178 -22.92 8.40 -6.31
CA LEU A 178 -23.92 9.46 -6.31
C LEU A 178 -23.76 10.37 -7.53
N VAL A 179 -22.51 10.70 -7.86
CA VAL A 179 -22.21 11.56 -9.00
C VAL A 179 -22.59 10.85 -10.30
N GLU A 180 -22.43 9.53 -10.32
CA GLU A 180 -22.77 8.73 -11.50
C GLU A 180 -24.28 8.74 -11.69
N TRP A 181 -25.01 8.51 -10.60
CA TRP A 181 -26.47 8.49 -10.62
C TRP A 181 -27.06 9.79 -11.08
N LEU A 182 -26.55 10.90 -10.56
CA LEU A 182 -27.03 12.23 -10.90
C LEU A 182 -26.37 12.80 -12.13
N LYS A 183 -25.38 12.11 -12.67
CA LYS A 183 -24.64 12.60 -13.83
C LYS A 183 -24.33 14.08 -13.67
N ASP A 184 -24.02 14.47 -12.43
CA ASP A 184 -23.71 15.84 -12.08
C ASP A 184 -22.39 16.01 -11.33
N PRO A 185 -21.38 16.56 -12.02
CA PRO A 185 -20.03 16.80 -11.49
C PRO A 185 -19.78 18.23 -11.08
N SER A 186 -20.83 19.04 -11.09
CA SER A 186 -20.70 20.47 -10.79
C SER A 186 -20.08 20.85 -9.46
N GLN A 187 -20.26 20.06 -8.41
CA GLN A 187 -19.67 20.39 -7.11
C GLN A 187 -18.32 19.77 -6.84
N GLU A 188 -17.97 18.75 -7.63
CA GLU A 188 -16.76 17.98 -7.44
C GLU A 188 -15.43 18.63 -7.31
N LEU A 189 -14.99 19.40 -8.30
CA LEU A 189 -13.68 20.01 -8.23
C LEU A 189 -13.50 20.94 -7.05
N GLU A 190 -14.59 21.58 -6.63
CA GLU A 190 -14.55 22.50 -5.51
C GLU A 190 -14.49 21.74 -4.19
N PHE A 191 -15.30 20.69 -4.07
CA PHE A 191 -15.32 19.86 -2.85
C PHE A 191 -13.95 19.21 -2.61
N ILE A 192 -13.40 18.62 -3.67
CA ILE A 192 -12.10 17.98 -3.63
C ILE A 192 -11.03 19.00 -3.25
N ALA A 193 -11.11 20.21 -3.81
CA ALA A 193 -10.12 21.23 -3.49
C ALA A 193 -10.18 21.59 -2.02
N ASP A 194 -11.36 21.47 -1.40
CA ASP A 194 -11.45 21.76 0.03
C ASP A 194 -10.81 20.64 0.86
N ILE A 195 -10.89 19.39 0.35
CA ILE A 195 -10.28 18.27 1.06
C ILE A 195 -8.75 18.38 0.93
N LEU A 196 -8.27 18.76 -0.25
CA LEU A 196 -6.84 18.92 -0.54
C LEU A 196 -6.26 20.15 0.15
N ASN A 197 -7.12 21.03 0.62
CA ASN A 197 -6.69 22.22 1.32
C ASN A 197 -6.34 21.84 2.76
N GLN A 198 -6.89 20.71 3.20
CA GLN A 198 -6.66 20.17 4.53
C GLN A 198 -5.54 19.13 4.52
N ASP A 199 -5.44 18.38 3.42
CA ASP A 199 -4.40 17.36 3.21
C ASP A 199 -4.18 17.28 1.71
N ALA A 200 -3.20 18.04 1.24
CA ALA A 200 -2.86 18.13 -0.16
C ALA A 200 -2.34 16.83 -0.77
N LYS A 201 -2.28 15.77 0.02
CA LYS A 201 -1.78 14.53 -0.53
C LYS A 201 -2.73 13.38 -0.36
N ASN A 202 -3.98 13.68 -0.01
CA ASN A 202 -4.99 12.63 0.18
C ASN A 202 -5.11 11.84 -1.12
N TYR A 203 -4.73 10.55 -1.07
CA TYR A 203 -4.74 9.69 -2.24
C TYR A 203 -6.15 9.54 -2.85
N HIS A 204 -7.14 9.25 -2.01
CA HIS A 204 -8.55 9.13 -2.44
C HIS A 204 -9.06 10.41 -3.10
N ALA A 205 -8.72 11.56 -2.52
CA ALA A 205 -9.15 12.84 -3.09
C ALA A 205 -8.56 13.02 -4.49
N TRP A 206 -7.28 12.67 -4.65
CA TRP A 206 -6.66 12.80 -5.95
C TRP A 206 -7.23 11.80 -6.93
N GLN A 207 -7.57 10.61 -6.45
CA GLN A 207 -8.13 9.60 -7.34
C GLN A 207 -9.50 10.04 -7.83
N HIS A 208 -10.28 10.59 -6.92
CA HIS A 208 -11.60 11.04 -7.25
C HIS A 208 -11.53 12.18 -8.24
N ARG A 209 -10.56 13.08 -8.03
CA ARG A 209 -10.37 14.23 -8.89
C ARG A 209 -10.06 13.73 -10.30
N GLN A 210 -9.18 12.74 -10.38
CA GLN A 210 -8.83 12.17 -11.68
C GLN A 210 -10.02 11.51 -12.36
N TRP A 211 -10.87 10.85 -11.59
CA TRP A 211 -12.03 10.20 -12.15
C TRP A 211 -13.04 11.23 -12.68
N VAL A 212 -13.28 12.31 -11.94
CA VAL A 212 -14.21 13.36 -12.35
C VAL A 212 -13.76 14.07 -13.64
N ILE A 213 -12.47 14.44 -13.68
CA ILE A 213 -11.87 15.12 -14.83
C ILE A 213 -11.91 14.29 -16.13
N GLN A 214 -11.55 13.02 -16.04
CA GLN A 214 -11.57 12.15 -17.20
C GLN A 214 -13.00 11.82 -17.62
N GLU A 215 -13.85 11.45 -16.67
CA GLU A 215 -15.24 11.11 -16.94
C GLU A 215 -16.08 12.21 -17.56
N PHE A 216 -16.05 13.39 -16.93
CA PHE A 216 -16.83 14.52 -17.37
C PHE A 216 -16.05 15.50 -18.21
N ARG A 217 -14.82 15.11 -18.57
CA ARG A 217 -13.98 15.94 -19.41
C ARG A 217 -13.73 17.35 -18.85
N LEU A 218 -13.38 17.48 -17.58
CA LEU A 218 -13.15 18.81 -16.99
C LEU A 218 -11.65 19.19 -16.91
N TRP A 219 -10.98 19.17 -18.06
CA TRP A 219 -9.54 19.46 -18.17
C TRP A 219 -9.07 20.90 -18.19
N ASP A 220 -9.91 21.80 -18.68
CA ASP A 220 -9.53 23.20 -18.84
C ASP A 220 -8.81 23.98 -17.77
N ASN A 221 -9.15 23.76 -16.51
CA ASN A 221 -8.50 24.52 -15.45
C ASN A 221 -7.59 23.76 -14.52
N GLU A 222 -7.37 22.48 -14.80
CA GLU A 222 -6.53 21.66 -13.93
C GLU A 222 -5.04 22.01 -13.92
N LEU A 223 -4.48 22.42 -15.05
CA LEU A 223 -3.06 22.76 -15.07
C LEU A 223 -2.83 24.00 -14.21
N GLN A 224 -3.81 24.89 -14.18
CA GLN A 224 -3.72 26.10 -13.38
C GLN A 224 -3.80 25.74 -11.90
N TYR A 225 -4.70 24.83 -11.56
CA TYR A 225 -4.85 24.39 -10.17
C TYR A 225 -3.52 23.76 -9.75
N VAL A 226 -2.94 22.94 -10.63
CA VAL A 226 -1.65 22.30 -10.37
C VAL A 226 -0.56 23.35 -10.11
N ASP A 227 -0.56 24.43 -10.88
CA ASP A 227 0.43 25.48 -10.71
C ASP A 227 0.23 26.16 -9.36
N GLN A 228 -1.03 26.27 -8.97
CA GLN A 228 -1.36 26.87 -7.70
C GLN A 228 -0.77 26.05 -6.55
N LEU A 229 -1.03 24.75 -6.53
CA LEU A 229 -0.54 23.87 -5.47
C LEU A 229 0.98 23.69 -5.46
N LEU A 230 1.60 23.74 -6.64
CA LEU A 230 3.06 23.60 -6.74
C LEU A 230 3.76 24.81 -6.12
N LYS A 231 3.07 25.95 -6.11
CA LYS A 231 3.59 27.17 -5.49
C LYS A 231 3.55 26.98 -3.99
N GLU A 232 2.44 26.42 -3.50
CA GLU A 232 2.27 26.18 -2.08
C GLU A 232 3.31 25.20 -1.54
N ASP A 233 3.55 24.14 -2.30
CA ASP A 233 4.52 23.12 -1.93
C ASP A 233 5.03 22.41 -3.18
N VAL A 234 6.19 22.88 -3.66
CA VAL A 234 6.84 22.35 -4.84
C VAL A 234 7.32 20.90 -4.61
N ARG A 235 7.25 20.45 -3.36
CA ARG A 235 7.65 19.08 -3.04
C ARG A 235 6.46 18.13 -2.97
N ASN A 236 5.27 18.61 -3.33
CA ASN A 236 4.10 17.76 -3.25
C ASN A 236 4.08 16.87 -4.47
N ASN A 237 4.51 15.63 -4.27
CA ASN A 237 4.58 14.65 -5.35
C ASN A 237 3.21 14.34 -6.01
N SER A 238 2.13 14.44 -5.24
CA SER A 238 0.80 14.18 -5.76
C SER A 238 0.48 15.17 -6.85
N VAL A 239 0.96 16.40 -6.66
CA VAL A 239 0.73 17.48 -7.62
C VAL A 239 1.60 17.31 -8.85
N TRP A 240 2.81 16.79 -8.70
CA TRP A 240 3.67 16.55 -9.86
C TRP A 240 3.00 15.43 -10.66
N ASN A 241 2.37 14.50 -9.96
CA ASN A 241 1.69 13.43 -10.65
C ASN A 241 0.49 14.00 -11.42
N GLN A 242 -0.27 14.88 -10.79
CA GLN A 242 -1.43 15.49 -11.45
C GLN A 242 -1.03 16.27 -12.68
N ARG A 243 0.14 16.91 -12.60
CA ARG A 243 0.68 17.70 -13.71
C ARG A 243 0.87 16.79 -14.91
N HIS A 244 1.46 15.63 -14.69
CA HIS A 244 1.71 14.66 -15.75
C HIS A 244 0.41 14.07 -16.26
N PHE A 245 -0.55 13.87 -15.38
CA PHE A 245 -1.85 13.32 -15.75
C PHE A 245 -2.56 14.29 -16.72
N VAL A 246 -2.56 15.58 -16.38
CA VAL A 246 -3.21 16.59 -17.19
C VAL A 246 -2.54 16.74 -18.54
N ILE A 247 -1.22 16.92 -18.52
CA ILE A 247 -0.51 17.08 -19.77
C ILE A 247 -0.62 15.87 -20.69
N SER A 248 -0.32 14.69 -20.18
CA SER A 248 -0.39 13.53 -21.05
C SER A 248 -1.78 13.27 -21.62
N ASN A 249 -2.84 13.74 -20.95
CA ASN A 249 -4.20 13.54 -21.44
C ASN A 249 -4.80 14.70 -22.21
N THR A 250 -3.97 15.72 -22.42
CA THR A 250 -4.41 16.88 -23.18
C THR A 250 -3.47 17.10 -24.37
N THR A 251 -2.34 17.77 -24.16
CA THR A 251 -1.41 18.03 -25.25
C THR A 251 -0.42 16.89 -25.52
N GLY A 252 -0.10 16.12 -24.50
CA GLY A 252 0.87 15.05 -24.66
C GLY A 252 2.22 15.70 -24.54
N TYR A 253 3.27 14.90 -24.42
CA TYR A 253 4.63 15.43 -24.32
C TYR A 253 5.42 15.34 -25.63
N SER A 254 4.74 15.01 -26.72
CA SER A 254 5.44 14.94 -27.99
C SER A 254 5.52 16.33 -28.62
N ASP A 255 4.58 17.19 -28.25
CA ASP A 255 4.57 18.54 -28.73
C ASP A 255 5.87 19.13 -28.15
N ARG A 256 6.81 19.45 -29.04
CA ARG A 256 8.12 20.01 -28.69
C ARG A 256 8.08 21.25 -27.81
N ALA A 257 7.13 22.13 -28.07
CA ALA A 257 7.02 23.34 -27.27
C ALA A 257 6.62 22.99 -25.82
N VAL A 258 5.69 22.05 -25.69
CA VAL A 258 5.22 21.61 -24.38
C VAL A 258 6.37 20.98 -23.65
N LEU A 259 7.03 20.02 -24.29
CA LEU A 259 8.19 19.33 -23.71
C LEU A 259 9.22 20.35 -23.23
N GLU A 260 9.52 21.31 -24.11
CA GLU A 260 10.48 22.36 -23.80
C GLU A 260 10.01 23.20 -22.62
N ARG A 261 8.72 23.54 -22.62
CA ARG A 261 8.14 24.33 -21.54
C ARG A 261 8.26 23.58 -20.20
N GLU A 262 7.99 22.29 -20.25
CA GLU A 262 8.02 21.43 -19.07
C GLU A 262 9.42 21.17 -18.53
N VAL A 263 10.37 20.95 -19.43
CA VAL A 263 11.75 20.72 -19.04
C VAL A 263 12.38 21.98 -18.46
N GLN A 264 12.05 23.14 -19.05
CA GLN A 264 12.59 24.39 -18.53
C GLN A 264 11.96 24.72 -17.17
N TYR A 265 10.64 24.54 -17.07
CA TYR A 265 9.89 24.77 -15.83
C TYR A 265 10.45 23.94 -14.71
N THR A 266 10.73 22.68 -15.02
CA THR A 266 11.26 21.74 -14.06
C THR A 266 12.68 22.12 -13.63
N LEU A 267 13.49 22.56 -14.59
CA LEU A 267 14.87 22.96 -14.30
C LEU A 267 14.96 24.17 -13.40
N GLU A 268 14.01 25.10 -13.54
CA GLU A 268 13.98 26.29 -12.68
C GLU A 268 13.68 25.85 -11.25
N MET A 269 12.81 24.84 -11.10
CA MET A 269 12.41 24.29 -9.79
C MET A 269 13.59 23.59 -9.16
N ILE A 270 14.35 22.85 -9.96
CA ILE A 270 15.53 22.16 -9.46
C ILE A 270 16.55 23.20 -8.97
N LYS A 271 16.58 24.36 -9.65
CA LYS A 271 17.49 25.42 -9.24
C LYS A 271 17.08 25.98 -7.90
N LEU A 272 15.79 26.24 -7.70
CA LEU A 272 15.28 26.77 -6.44
C LEU A 272 15.35 25.82 -5.23
N VAL A 273 15.07 24.53 -5.44
CA VAL A 273 15.08 23.55 -4.36
C VAL A 273 15.76 22.26 -4.86
N PRO A 274 17.08 22.34 -5.13
CA PRO A 274 17.95 21.25 -5.63
C PRO A 274 17.78 19.86 -5.02
N HIS A 275 17.37 19.80 -3.78
CA HIS A 275 17.21 18.50 -3.15
C HIS A 275 15.78 17.96 -3.16
N ASN A 276 14.92 18.59 -3.97
CA ASN A 276 13.53 18.15 -4.10
C ASN A 276 13.52 17.03 -5.13
N GLU A 277 13.33 15.80 -4.65
CA GLU A 277 13.31 14.63 -5.52
C GLU A 277 12.20 14.60 -6.54
N SER A 278 11.03 15.17 -6.21
CA SER A 278 9.89 15.17 -7.13
C SER A 278 10.21 15.80 -8.48
N ALA A 279 10.81 16.98 -8.43
CA ALA A 279 11.18 17.69 -9.64
C ALA A 279 12.16 16.88 -10.47
N TRP A 280 13.05 16.17 -9.79
CA TRP A 280 14.04 15.34 -10.47
C TRP A 280 13.41 14.12 -11.10
N ASN A 281 12.45 13.51 -10.38
CA ASN A 281 11.77 12.32 -10.85
C ASN A 281 10.85 12.67 -12.01
N TYR A 282 10.36 13.90 -12.02
CA TYR A 282 9.50 14.36 -13.09
C TYR A 282 10.32 14.63 -14.34
N LEU A 283 11.51 15.21 -14.15
CA LEU A 283 12.43 15.51 -15.26
C LEU A 283 12.84 14.21 -15.96
N LYS A 284 13.20 13.22 -15.16
CA LYS A 284 13.60 11.92 -15.67
C LYS A 284 12.39 11.27 -16.33
N GLY A 285 11.24 11.36 -15.67
CA GLY A 285 10.02 10.77 -16.18
C GLY A 285 9.57 11.21 -17.56
N ILE A 286 9.54 12.52 -17.83
CA ILE A 286 9.11 13.04 -19.13
C ILE A 286 10.12 12.90 -20.30
N LEU A 287 11.41 12.73 -19.98
CA LEU A 287 12.46 12.61 -21.01
C LEU A 287 12.82 11.15 -21.26
N GLN A 288 12.71 10.37 -20.19
CA GLN A 288 12.99 8.95 -20.18
C GLN A 288 12.25 8.28 -21.31
N ASP A 289 11.11 8.86 -21.68
CA ASP A 289 10.31 8.31 -22.78
C ASP A 289 11.17 8.08 -24.01
N ARG A 290 11.56 9.17 -24.68
CA ARG A 290 12.38 9.11 -25.89
C ARG A 290 13.81 8.60 -25.67
N GLY A 291 14.27 8.62 -24.43
CA GLY A 291 15.61 8.19 -24.11
C GLY A 291 16.41 9.43 -23.76
N LEU A 292 17.03 9.45 -22.58
CA LEU A 292 17.82 10.59 -22.11
C LEU A 292 18.97 11.02 -23.04
N SER A 293 19.58 10.06 -23.74
CA SER A 293 20.67 10.34 -24.67
C SER A 293 20.20 11.14 -25.90
N ARG A 294 18.90 11.12 -26.17
CA ARG A 294 18.32 11.83 -27.30
C ARG A 294 18.46 13.34 -27.12
N TYR A 295 18.76 13.75 -25.89
CA TYR A 295 18.91 15.15 -25.54
C TYR A 295 20.35 15.47 -25.15
N PRO A 296 21.21 15.77 -26.14
CA PRO A 296 22.63 16.10 -25.94
C PRO A 296 22.98 17.29 -25.03
N ASN A 297 22.23 18.39 -25.15
CA ASN A 297 22.48 19.58 -24.33
C ASN A 297 22.25 19.37 -22.83
N LEU A 298 21.31 18.50 -22.50
CA LEU A 298 20.95 18.21 -21.12
C LEU A 298 22.12 17.79 -20.23
N LEU A 299 22.94 16.85 -20.69
CA LEU A 299 24.07 16.38 -19.90
C LEU A 299 24.93 17.56 -19.47
N ASN A 300 25.28 18.40 -20.44
CA ASN A 300 26.11 19.57 -20.19
C ASN A 300 25.43 20.50 -19.20
N GLN A 301 24.16 20.76 -19.44
CA GLN A 301 23.42 21.65 -18.58
C GLN A 301 23.33 21.18 -17.13
N LEU A 302 23.39 19.87 -16.91
CA LEU A 302 23.32 19.35 -15.54
C LEU A 302 24.72 19.35 -14.95
N LEU A 303 25.69 19.04 -15.79
CA LEU A 303 27.08 18.98 -15.39
C LEU A 303 27.51 20.36 -14.91
N ASP A 304 26.74 21.38 -15.27
CA ASP A 304 27.01 22.75 -14.89
C ASP A 304 26.57 23.03 -13.45
N LEU A 305 25.49 22.36 -13.00
CA LEU A 305 25.03 22.54 -11.63
C LEU A 305 25.89 21.67 -10.71
N GLN A 306 26.80 20.90 -11.32
CA GLN A 306 27.71 20.01 -10.60
C GLN A 306 28.33 20.61 -9.34
N PRO A 307 28.68 21.90 -9.36
CA PRO A 307 29.29 22.48 -8.16
C PRO A 307 28.25 23.27 -7.33
N SER A 308 27.37 23.98 -8.03
CA SER A 308 26.33 24.78 -7.39
C SER A 308 25.14 23.97 -6.82
N HIS A 309 24.19 23.61 -7.68
CA HIS A 309 23.02 22.83 -7.26
C HIS A 309 23.34 21.36 -7.46
N SER A 310 24.24 20.82 -6.64
CA SER A 310 24.65 19.43 -6.79
C SER A 310 24.31 18.47 -5.66
N SER A 311 23.14 17.84 -5.79
CA SER A 311 22.67 16.87 -4.81
C SER A 311 22.99 15.47 -5.37
N PRO A 312 22.69 14.40 -4.61
CA PRO A 312 22.97 13.07 -5.13
C PRO A 312 21.95 12.67 -6.24
N TYR A 313 21.02 13.59 -6.53
CA TYR A 313 19.99 13.42 -7.57
C TYR A 313 20.59 13.78 -8.89
N LEU A 314 21.45 14.80 -8.88
CA LEU A 314 22.15 15.24 -10.09
C LEU A 314 23.10 14.12 -10.49
N ILE A 315 23.83 13.60 -9.50
CA ILE A 315 24.80 12.51 -9.70
C ILE A 315 24.06 11.32 -10.29
N ALA A 316 23.00 10.87 -9.61
CA ALA A 316 22.20 9.76 -10.09
C ALA A 316 21.62 10.03 -11.47
N PHE A 317 21.22 11.27 -11.76
CA PHE A 317 20.67 11.60 -13.07
C PHE A 317 21.75 11.41 -14.13
N LEU A 318 22.99 11.80 -13.82
CA LEU A 318 24.13 11.65 -14.75
C LEU A 318 24.39 10.20 -15.11
N VAL A 319 24.33 9.32 -14.13
CA VAL A 319 24.51 7.89 -14.38
C VAL A 319 23.37 7.41 -15.27
N ASP A 320 22.18 8.00 -15.12
CA ASP A 320 21.04 7.63 -15.94
C ASP A 320 21.28 8.02 -17.39
N ILE A 321 21.73 9.25 -17.61
CA ILE A 321 22.03 9.73 -18.96
C ILE A 321 23.10 8.83 -19.57
N TYR A 322 24.10 8.47 -18.77
CA TYR A 322 25.21 7.62 -19.21
C TYR A 322 24.72 6.24 -19.61
N GLU A 323 23.90 5.65 -18.77
CA GLU A 323 23.34 4.32 -19.03
C GLU A 323 22.69 4.30 -20.39
N ASP A 324 21.98 5.38 -20.75
CA ASP A 324 21.30 5.45 -22.04
C ASP A 324 22.18 5.76 -23.24
N MET A 325 23.29 6.45 -22.99
CA MET A 325 24.26 6.78 -24.05
C MET A 325 24.93 5.50 -24.46
N LEU A 326 25.31 4.69 -23.47
CA LEU A 326 25.97 3.42 -23.71
C LEU A 326 25.10 2.48 -24.52
N GLU A 327 23.81 2.47 -24.21
CA GLU A 327 22.85 1.62 -24.91
C GLU A 327 22.55 2.13 -26.32
N ASN A 328 22.83 3.42 -26.56
CA ASN A 328 22.56 4.01 -27.85
C ASN A 328 23.77 4.39 -28.69
N GLN A 329 24.77 3.52 -28.67
CA GLN A 329 26.00 3.67 -29.43
C GLN A 329 26.66 5.06 -29.38
N CYS A 330 26.93 5.56 -28.17
CA CYS A 330 27.54 6.88 -27.99
C CYS A 330 29.04 6.88 -28.29
N ASP A 331 29.57 8.06 -28.59
CA ASP A 331 30.99 8.24 -28.87
C ASP A 331 31.68 8.22 -27.50
N ASN A 332 32.97 7.87 -27.48
CA ASN A 332 33.73 7.82 -26.22
C ASN A 332 33.15 6.80 -25.25
N LYS A 333 32.79 5.61 -25.74
CA LYS A 333 32.21 4.57 -24.90
C LYS A 333 33.01 4.16 -23.67
N GLU A 334 34.31 3.98 -23.81
CA GLU A 334 35.16 3.58 -22.69
C GLU A 334 35.18 4.71 -21.67
N ASP A 335 35.31 5.94 -22.18
CA ASP A 335 35.35 7.15 -21.38
C ASP A 335 34.04 7.28 -20.58
N ILE A 336 32.93 7.32 -21.29
CA ILE A 336 31.58 7.42 -20.73
C ILE A 336 31.33 6.35 -19.66
N LEU A 337 31.70 5.10 -19.96
CA LEU A 337 31.53 4.00 -19.04
C LEU A 337 32.23 4.25 -17.71
N ASN A 338 33.48 4.68 -17.77
CA ASN A 338 34.24 4.92 -16.56
C ASN A 338 33.60 6.00 -15.70
N LYS A 339 33.13 7.07 -16.34
CA LYS A 339 32.48 8.18 -15.64
C LYS A 339 31.27 7.67 -14.88
N ALA A 340 30.43 6.91 -15.58
CA ALA A 340 29.24 6.32 -15.00
C ALA A 340 29.61 5.34 -13.88
N LEU A 341 30.70 4.61 -14.05
CA LEU A 341 31.14 3.64 -13.04
C LEU A 341 31.78 4.34 -11.84
N GLU A 342 32.33 5.51 -12.11
CA GLU A 342 32.98 6.34 -11.09
C GLU A 342 31.87 6.90 -10.19
N LEU A 343 30.81 7.40 -10.83
CA LEU A 343 29.68 7.95 -10.13
C LEU A 343 28.97 6.89 -9.31
N CYS A 344 28.88 5.66 -9.84
CA CYS A 344 28.24 4.55 -9.12
C CYS A 344 28.99 4.22 -7.84
N GLU A 345 30.31 4.43 -7.85
CA GLU A 345 31.11 4.15 -6.69
C GLU A 345 31.04 5.30 -5.69
N ILE A 346 31.04 6.52 -6.20
CA ILE A 346 30.94 7.69 -5.33
C ILE A 346 29.61 7.59 -4.58
N LEU A 347 28.56 7.20 -5.31
CA LEU A 347 27.22 7.04 -4.75
C LEU A 347 27.16 5.90 -3.73
N ALA A 348 27.63 4.72 -4.13
CA ALA A 348 27.62 3.54 -3.27
C ALA A 348 28.45 3.69 -2.02
N LYS A 349 29.60 4.34 -2.16
CA LYS A 349 30.54 4.53 -1.08
C LYS A 349 30.34 5.79 -0.27
N GLU A 350 29.91 6.86 -0.92
CA GLU A 350 29.79 8.15 -0.22
C GLU A 350 28.49 8.95 -0.24
N LYS A 351 28.04 9.33 -1.42
CA LYS A 351 26.86 10.16 -1.58
C LYS A 351 25.47 9.56 -1.33
N ASP A 352 25.31 8.25 -1.54
CA ASP A 352 24.00 7.64 -1.40
C ASP A 352 24.10 6.19 -0.95
N THR A 353 24.76 5.99 0.18
CA THR A 353 25.01 4.67 0.75
C THR A 353 23.83 3.79 1.14
N ILE A 354 22.68 4.42 1.41
CA ILE A 354 21.47 3.67 1.80
C ILE A 354 21.08 2.77 0.61
N ARG A 355 21.44 3.25 -0.59
CA ARG A 355 21.19 2.55 -1.86
C ARG A 355 22.46 1.87 -2.41
N LYS A 356 23.43 1.58 -1.53
CA LYS A 356 24.70 0.95 -1.94
C LYS A 356 24.53 -0.30 -2.78
N GLU A 357 23.66 -1.22 -2.34
CA GLU A 357 23.41 -2.45 -3.09
C GLU A 357 22.83 -2.18 -4.48
N TYR A 358 22.06 -1.10 -4.61
CA TYR A 358 21.47 -0.75 -5.89
C TYR A 358 22.52 -0.19 -6.84
N TRP A 359 23.28 0.79 -6.34
CA TRP A 359 24.33 1.41 -7.13
C TRP A 359 25.44 0.46 -7.54
N ARG A 360 25.69 -0.57 -6.72
CA ARG A 360 26.71 -1.59 -7.03
C ARG A 360 26.17 -2.41 -8.17
N TYR A 361 24.90 -2.79 -8.06
CA TYR A 361 24.23 -3.55 -9.11
C TYR A 361 24.37 -2.76 -10.42
N ILE A 362 24.05 -1.47 -10.38
CA ILE A 362 24.16 -0.62 -11.55
C ILE A 362 25.60 -0.69 -12.07
N GLY A 363 26.56 -0.72 -11.15
CA GLY A 363 27.97 -0.78 -11.53
C GLY A 363 28.27 -2.06 -12.27
N ARG A 364 28.00 -3.18 -11.61
CA ARG A 364 28.21 -4.49 -12.18
C ARG A 364 27.53 -4.56 -13.54
N SER A 365 26.21 -4.42 -13.52
CA SER A 365 25.38 -4.45 -14.71
C SER A 365 25.93 -3.64 -15.90
N LEU A 366 26.45 -2.44 -15.60
CA LEU A 366 27.03 -1.54 -16.63
C LEU A 366 28.30 -2.11 -17.25
N GLN A 367 29.11 -2.75 -16.42
CA GLN A 367 30.32 -3.38 -16.89
C GLN A 367 29.88 -4.56 -17.72
N SER A 368 29.11 -5.45 -17.11
CA SER A 368 28.61 -6.62 -17.82
C SER A 368 28.09 -6.30 -19.20
N LYS A 369 27.61 -5.08 -19.39
CA LYS A 369 27.07 -4.67 -20.67
C LYS A 369 28.03 -4.03 -21.66
N HIS A 370 28.70 -2.97 -21.22
CA HIS A 370 29.59 -2.24 -22.12
C HIS A 370 31.08 -2.35 -21.82
N SER A 371 31.47 -3.52 -21.32
CA SER A 371 32.84 -3.84 -20.95
C SER A 371 33.85 -3.60 -22.09
N LEU B 23 26.30 -0.36 14.36
CA LEU B 23 24.97 0.18 13.96
C LEU B 23 25.08 1.33 12.98
N TYR B 24 24.67 1.06 11.74
CA TYR B 24 24.70 2.04 10.66
C TYR B 24 24.09 3.38 11.07
N SER B 25 22.92 3.32 11.66
CA SER B 25 22.16 4.49 12.09
C SER B 25 22.87 5.32 13.13
N LEU B 26 23.70 4.67 13.93
CA LEU B 26 24.43 5.35 14.99
C LEU B 26 25.80 5.87 14.58
N ARG B 27 26.28 5.51 13.40
CA ARG B 27 27.57 6.00 12.96
C ARG B 27 27.52 7.52 12.86
N PRO B 28 28.66 8.18 13.09
CA PRO B 28 28.82 9.64 13.06
C PRO B 28 28.54 10.28 11.74
N GLU B 29 28.99 9.66 10.67
CA GLU B 29 28.77 10.18 9.33
C GLU B 29 27.29 10.13 8.94
N HIS B 30 26.51 9.38 9.71
CA HIS B 30 25.08 9.22 9.47
C HIS B 30 24.33 10.55 9.67
N ALA B 31 24.90 11.42 10.48
CA ALA B 31 24.29 12.72 10.73
C ALA B 31 24.20 13.49 9.42
N ARG B 32 25.09 13.16 8.49
CA ARG B 32 25.13 13.82 7.19
C ARG B 32 23.93 13.49 6.32
N GLU B 33 23.13 12.51 6.75
CA GLU B 33 21.95 12.13 6.01
C GLU B 33 20.69 12.92 6.34
N ARG B 34 20.81 13.91 7.22
CA ARG B 34 19.66 14.73 7.59
C ARG B 34 19.20 15.58 6.43
N LEU B 35 17.90 15.87 6.40
CA LEU B 35 17.27 16.66 5.36
C LEU B 35 17.98 17.98 5.06
N GLN B 36 18.08 18.32 3.78
CA GLN B 36 18.66 19.59 3.36
C GLN B 36 17.54 20.31 2.64
N ASP B 37 16.86 21.21 3.34
CA ASP B 37 15.72 21.91 2.78
C ASP B 37 16.02 23.10 1.86
N ASP B 38 17.30 23.29 1.52
CA ASP B 38 17.74 24.36 0.63
C ASP B 38 17.27 25.74 1.10
N SER B 39 16.88 25.81 2.37
CA SER B 39 16.36 27.03 2.98
C SER B 39 15.05 27.50 2.32
N VAL B 40 14.25 26.51 1.91
CA VAL B 40 12.95 26.73 1.31
C VAL B 40 12.05 25.74 2.05
N GLU B 41 11.30 26.24 3.02
CA GLU B 41 10.42 25.39 3.80
C GLU B 41 9.02 25.24 3.22
N THR B 42 8.51 24.02 3.24
CA THR B 42 7.16 23.73 2.79
C THR B 42 6.58 22.72 3.76
N VAL B 43 5.29 22.43 3.67
CA VAL B 43 4.69 21.46 4.59
C VAL B 43 5.49 20.16 4.55
N THR B 44 5.99 19.81 3.36
CA THR B 44 6.76 18.59 3.15
C THR B 44 8.06 18.54 3.93
N SER B 45 8.93 19.54 3.75
CA SER B 45 10.22 19.58 4.44
C SER B 45 10.07 19.70 5.97
N ILE B 46 9.09 20.49 6.41
CA ILE B 46 8.78 20.71 7.81
C ILE B 46 8.34 19.44 8.53
N GLU B 47 7.49 18.64 7.88
CA GLU B 47 7.00 17.39 8.48
C GLU B 47 8.09 16.33 8.51
N GLN B 48 8.90 16.28 7.45
CA GLN B 48 9.99 15.32 7.37
C GLN B 48 10.99 15.62 8.48
N ALA B 49 11.30 16.91 8.65
CA ALA B 49 12.24 17.40 9.66
C ALA B 49 11.79 17.04 11.04
N LYS B 50 10.48 17.16 11.27
CA LYS B 50 9.95 16.81 12.57
C LYS B 50 10.24 15.34 12.82
N VAL B 51 10.06 14.53 11.78
CA VAL B 51 10.28 13.09 11.88
C VAL B 51 11.74 12.75 12.14
N GLU B 52 12.63 13.36 11.37
CA GLU B 52 14.05 13.12 11.51
C GLU B 52 14.50 13.49 12.91
N GLU B 53 13.99 14.60 13.42
CA GLU B 53 14.34 15.06 14.76
C GLU B 53 13.90 14.01 15.80
N LYS B 54 12.69 13.50 15.66
CA LYS B 54 12.17 12.51 16.58
C LYS B 54 13.00 11.21 16.52
N ILE B 55 13.37 10.82 15.31
CA ILE B 55 14.15 9.60 15.06
C ILE B 55 15.56 9.75 15.64
N GLN B 56 16.17 10.91 15.42
CA GLN B 56 17.51 11.20 15.92
C GLN B 56 17.54 11.02 17.43
N GLU B 57 16.51 11.49 18.12
CA GLU B 57 16.44 11.38 19.56
C GLU B 57 16.40 9.91 19.95
N VAL B 58 15.77 9.10 19.13
CA VAL B 58 15.71 7.68 19.40
C VAL B 58 17.10 7.04 19.22
N PHE B 59 17.77 7.37 18.11
CA PHE B 59 19.10 6.81 17.82
C PHE B 59 20.09 7.11 18.95
N SER B 60 20.10 8.36 19.38
CA SER B 60 20.99 8.85 20.42
C SER B 60 20.61 8.56 21.87
N SER B 61 19.46 7.96 22.08
CA SER B 61 19.04 7.68 23.45
C SER B 61 20.11 6.92 24.23
N TYR B 62 20.78 5.99 23.55
CA TYR B 62 21.84 5.16 24.15
C TYR B 62 22.99 6.00 24.71
N LYS B 63 23.54 6.85 23.84
CA LYS B 63 24.63 7.74 24.18
C LYS B 63 24.28 8.63 25.36
N PHE B 64 23.06 9.17 25.33
CA PHE B 64 22.60 10.05 26.41
C PHE B 64 22.32 9.34 27.73
N ASN B 65 22.16 8.02 27.70
CA ASN B 65 21.91 7.25 28.91
C ASN B 65 23.08 6.36 29.27
N HIS B 66 24.16 6.47 28.48
CA HIS B 66 25.38 5.70 28.66
C HIS B 66 25.18 4.23 28.90
N LEU B 67 24.63 3.58 27.89
CA LEU B 67 24.41 2.15 27.93
C LEU B 67 24.90 1.70 26.55
N VAL B 68 25.08 0.40 26.39
CA VAL B 68 25.49 -0.07 25.08
C VAL B 68 24.18 -0.39 24.33
N PRO B 69 24.04 0.09 23.07
CA PRO B 69 22.81 -0.20 22.31
C PRO B 69 22.61 -1.72 22.29
N ARG B 70 21.41 -2.18 22.60
CA ARG B 70 21.13 -3.60 22.60
C ARG B 70 19.87 -3.87 21.78
N LEU B 71 20.05 -4.14 20.49
CA LEU B 71 18.90 -4.38 19.62
C LEU B 71 18.24 -5.73 19.90
N VAL B 72 17.15 -5.67 20.64
CA VAL B 72 16.42 -6.86 21.02
C VAL B 72 14.95 -6.81 20.60
N LEU B 73 14.48 -7.87 19.96
CA LEU B 73 13.10 -7.95 19.54
C LEU B 73 12.35 -8.51 20.75
N GLN B 74 11.45 -7.72 21.31
CA GLN B 74 10.66 -8.12 22.46
C GLN B 74 9.64 -9.22 22.16
N ARG B 75 10.14 -10.41 21.84
CA ARG B 75 9.30 -11.55 21.50
C ARG B 75 8.17 -11.88 22.45
N GLU B 76 8.45 -11.83 23.74
CA GLU B 76 7.44 -12.17 24.74
C GLU B 76 6.36 -11.10 24.87
N LYS B 77 6.78 -9.85 24.76
CA LYS B 77 5.86 -8.72 24.83
C LYS B 77 4.92 -8.82 23.64
N HIS B 78 5.50 -9.01 22.46
CA HIS B 78 4.78 -9.14 21.19
C HIS B 78 3.87 -10.36 21.24
N PHE B 79 4.34 -11.44 21.86
CA PHE B 79 3.54 -12.64 21.95
C PHE B 79 2.29 -12.57 22.87
N HIS B 80 2.36 -11.86 24.00
CA HIS B 80 1.21 -11.75 24.91
C HIS B 80 0.12 -10.93 24.23
N TYR B 81 0.56 -9.86 23.58
CA TYR B 81 -0.31 -8.96 22.84
C TYR B 81 -1.11 -9.76 21.76
N LEU B 82 -0.38 -10.56 20.99
CA LEU B 82 -0.93 -11.38 19.92
C LEU B 82 -1.83 -12.50 20.41
N LYS B 83 -1.29 -13.40 21.22
CA LYS B 83 -2.07 -14.51 21.74
C LYS B 83 -3.38 -14.04 22.37
N ARG B 84 -3.37 -12.84 22.91
CA ARG B 84 -4.56 -12.28 23.55
C ARG B 84 -5.56 -11.68 22.55
N GLY B 85 -5.05 -10.88 21.61
CA GLY B 85 -5.91 -10.29 20.60
C GLY B 85 -6.60 -11.33 19.74
N LEU B 86 -5.99 -12.51 19.62
CA LEU B 86 -6.52 -13.61 18.84
C LEU B 86 -7.82 -14.16 19.40
N ARG B 87 -8.11 -13.86 20.67
CA ARG B 87 -9.34 -14.33 21.31
C ARG B 87 -10.38 -13.27 21.56
N GLN B 88 -9.96 -12.10 22.05
CA GLN B 88 -10.90 -11.02 22.30
C GLN B 88 -10.21 -9.67 22.26
N LEU B 89 -10.98 -8.65 21.92
CA LEU B 89 -10.46 -7.30 21.81
C LEU B 89 -11.43 -6.30 22.44
N THR B 90 -10.89 -5.16 22.85
CA THR B 90 -11.72 -4.13 23.47
C THR B 90 -12.55 -3.42 22.40
N ASP B 91 -13.49 -2.60 22.83
CA ASP B 91 -14.34 -1.87 21.90
C ASP B 91 -13.56 -0.83 21.12
N ALA B 92 -12.25 -0.75 21.33
CA ALA B 92 -11.40 0.18 20.62
C ALA B 92 -11.24 -0.33 19.20
N TYR B 93 -11.49 -1.62 19.03
CA TYR B 93 -11.39 -2.30 17.75
C TYR B 93 -12.68 -2.34 16.97
N GLU B 94 -13.68 -1.58 17.42
CA GLU B 94 -14.97 -1.53 16.72
C GLU B 94 -14.80 -1.18 15.24
N CYS B 95 -13.79 -0.36 14.95
CA CYS B 95 -13.46 0.09 13.60
C CYS B 95 -12.96 -1.04 12.69
N LEU B 96 -12.76 -2.21 13.27
CA LEU B 96 -12.29 -3.38 12.53
C LEU B 96 -13.34 -4.47 12.54
N ASP B 97 -14.57 -4.10 12.89
CA ASP B 97 -15.68 -5.04 12.93
C ASP B 97 -15.97 -5.62 11.54
N ALA B 98 -15.55 -4.90 10.50
CA ALA B 98 -15.73 -5.35 9.13
C ALA B 98 -14.41 -5.84 8.55
N SER B 99 -13.42 -6.08 9.43
CA SER B 99 -12.09 -6.55 9.02
C SER B 99 -11.59 -7.70 9.86
N ARG B 100 -12.50 -8.56 10.33
CA ARG B 100 -12.11 -9.66 11.19
C ARG B 100 -11.22 -10.71 10.56
N PRO B 101 -11.47 -11.08 9.30
CA PRO B 101 -10.54 -12.08 8.77
C PRO B 101 -9.12 -11.47 8.75
N TRP B 102 -9.02 -10.14 8.71
CA TRP B 102 -7.70 -9.48 8.70
C TRP B 102 -7.02 -9.63 10.04
N LEU B 103 -7.77 -9.45 11.11
CA LEU B 103 -7.20 -9.58 12.44
C LEU B 103 -6.66 -11.00 12.60
N CYS B 104 -7.37 -11.99 12.06
CA CYS B 104 -6.90 -13.38 12.13
C CYS B 104 -5.59 -13.53 11.36
N TYR B 105 -5.55 -13.04 10.13
CA TYR B 105 -4.33 -13.17 9.36
C TYR B 105 -3.17 -12.45 10.00
N TRP B 106 -3.38 -11.20 10.36
CA TRP B 106 -2.32 -10.40 10.97
C TRP B 106 -1.74 -11.09 12.19
N ILE B 107 -2.60 -11.60 13.06
CA ILE B 107 -2.16 -12.26 14.29
C ILE B 107 -1.51 -13.63 14.03
N LEU B 108 -2.22 -14.51 13.34
CA LEU B 108 -1.68 -15.82 13.04
C LEU B 108 -0.36 -15.68 12.28
N HIS B 109 -0.22 -14.67 11.44
CA HIS B 109 1.02 -14.52 10.68
C HIS B 109 2.12 -13.99 11.58
N SER B 110 1.78 -13.10 12.51
CA SER B 110 2.76 -12.55 13.43
C SER B 110 3.29 -13.67 14.35
N LEU B 111 2.38 -14.50 14.86
CA LEU B 111 2.76 -15.62 15.70
C LEU B 111 3.63 -16.58 14.89
N GLU B 112 3.32 -16.72 13.61
CA GLU B 112 4.07 -17.58 12.69
C GLU B 112 5.49 -17.08 12.47
N LEU B 113 5.67 -15.77 12.32
CA LEU B 113 7.01 -15.23 12.13
C LEU B 113 7.79 -15.40 13.44
N LEU B 114 7.09 -15.21 14.56
CA LEU B 114 7.65 -15.33 15.90
C LEU B 114 7.88 -16.79 16.30
N ASP B 115 7.51 -17.72 15.43
CA ASP B 115 7.68 -19.15 15.69
C ASP B 115 6.76 -19.70 16.80
N GLU B 116 5.72 -18.95 17.15
CA GLU B 116 4.77 -19.39 18.18
C GLU B 116 3.73 -20.28 17.52
N PRO B 117 3.46 -21.43 18.13
CA PRO B 117 2.50 -22.42 17.64
C PRO B 117 1.03 -22.11 17.91
N ILE B 118 0.18 -22.69 17.08
CA ILE B 118 -1.27 -22.55 17.17
C ILE B 118 -1.85 -23.85 17.74
N PRO B 119 -2.37 -23.82 18.97
CA PRO B 119 -2.94 -25.04 19.55
C PRO B 119 -4.02 -25.52 18.62
N GLN B 120 -4.10 -26.83 18.46
CA GLN B 120 -5.10 -27.42 17.58
C GLN B 120 -6.50 -26.93 17.94
N ILE B 121 -6.68 -26.50 19.17
CA ILE B 121 -7.98 -25.99 19.61
C ILE B 121 -8.23 -24.56 19.09
N VAL B 122 -7.20 -23.73 19.11
CA VAL B 122 -7.32 -22.36 18.62
C VAL B 122 -7.53 -22.43 17.10
N ALA B 123 -6.69 -23.24 16.45
CA ALA B 123 -6.75 -23.45 15.02
C ALA B 123 -8.16 -23.85 14.56
N THR B 124 -8.75 -24.85 15.20
CA THR B 124 -10.08 -25.28 14.82
C THR B 124 -11.10 -24.15 15.02
N ASP B 125 -10.88 -23.32 16.04
CA ASP B 125 -11.79 -22.20 16.33
C ASP B 125 -11.72 -21.14 15.24
N VAL B 126 -10.51 -20.86 14.77
CA VAL B 126 -10.29 -19.89 13.73
C VAL B 126 -10.97 -20.40 12.45
N CYS B 127 -10.86 -21.70 12.21
CA CYS B 127 -11.47 -22.34 11.04
C CYS B 127 -12.98 -22.16 11.08
N GLN B 128 -13.57 -22.41 12.24
CA GLN B 128 -15.01 -22.29 12.42
C GLN B 128 -15.54 -20.88 12.24
N PHE B 129 -14.74 -19.91 12.67
CA PHE B 129 -15.12 -18.52 12.55
C PHE B 129 -15.10 -18.11 11.09
N LEU B 130 -13.99 -18.42 10.40
CA LEU B 130 -13.86 -18.10 8.99
C LEU B 130 -14.97 -18.73 8.17
N GLU B 131 -15.47 -19.88 8.62
CA GLU B 131 -16.59 -20.54 7.94
C GLU B 131 -17.82 -19.64 8.03
N LEU B 132 -17.97 -18.94 9.15
CA LEU B 132 -19.10 -18.04 9.36
C LEU B 132 -18.96 -16.79 8.48
N CYS B 133 -17.72 -16.43 8.19
CA CYS B 133 -17.45 -15.27 7.34
C CYS B 133 -17.60 -15.63 5.87
N GLN B 134 -17.47 -16.91 5.53
CA GLN B 134 -17.61 -17.34 4.15
C GLN B 134 -19.02 -17.17 3.60
N SER B 135 -19.14 -16.47 2.49
CA SER B 135 -20.43 -16.24 1.87
C SER B 135 -20.89 -17.46 1.07
N PRO B 136 -22.20 -17.71 1.05
CA PRO B 136 -22.74 -18.85 0.31
C PRO B 136 -22.47 -18.71 -1.18
N ASP B 137 -22.13 -17.48 -1.60
CA ASP B 137 -21.83 -17.20 -2.99
C ASP B 137 -20.35 -17.10 -3.30
N GLY B 138 -19.54 -17.67 -2.42
CA GLY B 138 -18.10 -17.67 -2.60
C GLY B 138 -17.46 -16.44 -1.97
N GLY B 139 -16.19 -16.57 -1.59
CA GLY B 139 -15.51 -15.45 -0.97
C GLY B 139 -15.89 -15.29 0.48
N PHE B 140 -15.17 -14.44 1.18
CA PHE B 140 -15.41 -14.21 2.60
C PHE B 140 -15.77 -12.76 2.87
N GLY B 141 -16.60 -12.54 3.90
CA GLY B 141 -17.00 -11.21 4.29
C GLY B 141 -16.12 -10.81 5.48
N GLY B 142 -16.19 -9.55 5.90
CA GLY B 142 -15.36 -9.09 7.01
C GLY B 142 -15.82 -9.54 8.39
N GLY B 143 -16.88 -10.36 8.43
CA GLY B 143 -17.40 -10.84 9.69
C GLY B 143 -18.59 -11.74 9.38
N PRO B 144 -19.12 -12.46 10.39
CA PRO B 144 -20.26 -13.37 10.17
C PRO B 144 -21.46 -12.66 9.58
N GLY B 145 -21.83 -13.06 8.37
CA GLY B 145 -22.98 -12.48 7.69
C GLY B 145 -22.74 -11.23 6.85
N GLN B 146 -21.48 -10.84 6.71
CA GLN B 146 -21.19 -9.69 5.90
C GLN B 146 -21.01 -10.14 4.46
N TYR B 147 -21.37 -9.28 3.52
CA TYR B 147 -21.23 -9.62 2.10
C TYR B 147 -19.75 -9.88 1.81
N PRO B 148 -19.45 -10.78 0.86
CA PRO B 148 -18.05 -11.07 0.55
C PRO B 148 -17.33 -9.91 -0.11
N HIS B 149 -16.04 -9.82 0.17
CA HIS B 149 -15.22 -8.72 -0.34
C HIS B 149 -13.87 -9.36 -0.61
N LEU B 150 -13.10 -8.81 -1.54
CA LEU B 150 -11.82 -9.43 -1.85
C LEU B 150 -10.70 -9.32 -0.79
N ALA B 151 -10.68 -8.23 -0.02
CA ALA B 151 -9.65 -8.06 1.00
C ALA B 151 -9.80 -9.17 2.06
N PRO B 152 -10.97 -9.28 2.72
CA PRO B 152 -11.11 -10.35 3.72
C PRO B 152 -11.03 -11.76 3.12
N THR B 153 -11.33 -11.91 1.82
CA THR B 153 -11.23 -13.20 1.14
C THR B 153 -9.75 -13.58 1.11
N TYR B 154 -8.90 -12.61 0.79
CA TYR B 154 -7.47 -12.82 0.75
C TYR B 154 -6.95 -13.15 2.16
N ALA B 155 -7.41 -12.40 3.15
CA ALA B 155 -6.99 -12.61 4.51
C ALA B 155 -7.47 -13.98 5.06
N ALA B 156 -8.71 -14.34 4.74
CA ALA B 156 -9.26 -15.61 5.20
C ALA B 156 -8.49 -16.79 4.63
N VAL B 157 -8.23 -16.76 3.32
CA VAL B 157 -7.50 -17.84 2.67
C VAL B 157 -6.06 -17.92 3.19
N ASN B 158 -5.44 -16.77 3.39
CA ASN B 158 -4.07 -16.74 3.90
C ASN B 158 -4.04 -17.32 5.32
N ALA B 159 -5.00 -16.91 6.14
CA ALA B 159 -5.10 -17.39 7.52
C ALA B 159 -5.22 -18.92 7.51
N LEU B 160 -6.17 -19.44 6.73
CA LEU B 160 -6.39 -20.88 6.61
C LEU B 160 -5.14 -21.66 6.13
N CYS B 161 -4.29 -21.02 5.33
CA CYS B 161 -3.08 -21.67 4.83
C CYS B 161 -1.97 -21.66 5.87
N ILE B 162 -2.03 -20.68 6.78
CA ILE B 162 -1.03 -20.58 7.85
C ILE B 162 -1.34 -21.75 8.81
N ILE B 163 -2.63 -22.00 9.04
CA ILE B 163 -3.07 -23.10 9.88
C ILE B 163 -2.73 -24.40 9.15
N GLY B 164 -2.94 -24.43 7.84
CA GLY B 164 -2.60 -25.57 7.01
C GLY B 164 -3.11 -26.97 7.32
N THR B 165 -4.20 -27.09 8.05
CA THR B 165 -4.74 -28.43 8.33
C THR B 165 -5.74 -28.77 7.23
N GLU B 166 -6.13 -30.04 7.14
CA GLU B 166 -7.10 -30.45 6.15
C GLU B 166 -8.40 -29.80 6.53
N GLU B 167 -8.59 -29.59 7.83
CA GLU B 167 -9.81 -28.94 8.33
C GLU B 167 -9.87 -27.53 7.76
N ALA B 168 -8.73 -26.85 7.79
CA ALA B 168 -8.63 -25.49 7.31
C ALA B 168 -8.89 -25.41 5.81
N TYR B 169 -8.14 -26.23 5.07
CA TYR B 169 -8.27 -26.28 3.61
C TYR B 169 -9.70 -26.54 3.20
N ASN B 170 -10.36 -27.46 3.91
CA ASN B 170 -11.73 -27.80 3.57
C ASN B 170 -12.77 -26.72 3.81
N VAL B 171 -12.40 -25.69 4.57
CA VAL B 171 -13.31 -24.58 4.84
C VAL B 171 -13.64 -23.88 3.52
N ILE B 172 -12.61 -23.65 2.70
CA ILE B 172 -12.78 -22.94 1.43
C ILE B 172 -13.62 -23.67 0.38
N ASN B 173 -14.77 -23.11 0.03
CA ASN B 173 -15.64 -23.66 -1.01
C ASN B 173 -15.05 -23.16 -2.33
N ARG B 174 -14.21 -23.98 -2.95
CA ARG B 174 -13.53 -23.63 -4.19
C ARG B 174 -14.38 -23.36 -5.42
N GLU B 175 -15.51 -24.03 -5.54
CA GLU B 175 -16.34 -23.82 -6.71
C GLU B 175 -17.02 -22.47 -6.61
N LYS B 176 -17.49 -22.13 -5.41
CA LYS B 176 -18.13 -20.85 -5.22
C LYS B 176 -17.12 -19.71 -5.27
N LEU B 177 -15.88 -19.98 -4.86
CA LEU B 177 -14.84 -18.96 -4.88
C LEU B 177 -14.52 -18.52 -6.34
N LEU B 178 -14.41 -19.50 -7.24
CA LEU B 178 -14.13 -19.25 -8.64
C LEU B 178 -15.26 -18.43 -9.23
N GLN B 179 -16.48 -18.82 -8.91
CA GLN B 179 -17.66 -18.11 -9.38
C GLN B 179 -17.57 -16.68 -8.91
N TYR B 180 -17.25 -16.52 -7.63
CA TYR B 180 -17.12 -15.20 -7.04
C TYR B 180 -16.12 -14.34 -7.81
N LEU B 181 -14.92 -14.87 -8.04
CA LEU B 181 -13.89 -14.14 -8.77
C LEU B 181 -14.42 -13.72 -10.13
N TYR B 182 -15.16 -14.61 -10.79
CA TYR B 182 -15.73 -14.27 -12.10
C TYR B 182 -16.76 -13.16 -12.01
N SER B 183 -17.45 -13.06 -10.87
CA SER B 183 -18.47 -12.04 -10.68
C SER B 183 -17.85 -10.65 -10.51
N LEU B 184 -16.54 -10.60 -10.31
CA LEU B 184 -15.88 -9.33 -10.12
C LEU B 184 -14.99 -8.96 -11.33
N LYS B 185 -14.70 -9.95 -12.15
CA LYS B 185 -13.86 -9.76 -13.32
C LYS B 185 -14.44 -8.73 -14.27
N GLN B 186 -13.60 -7.83 -14.76
CA GLN B 186 -14.05 -6.79 -15.66
C GLN B 186 -13.48 -7.02 -17.05
N PRO B 187 -14.14 -6.45 -18.09
CA PRO B 187 -13.74 -6.57 -19.50
C PRO B 187 -12.34 -6.03 -19.76
N ASP B 188 -11.95 -4.96 -19.06
CA ASP B 188 -10.60 -4.37 -19.23
C ASP B 188 -9.48 -5.16 -18.52
N GLY B 189 -9.86 -6.20 -17.78
CA GLY B 189 -8.86 -7.01 -17.09
C GLY B 189 -8.83 -6.87 -15.58
N SER B 190 -9.39 -5.78 -15.07
CA SER B 190 -9.39 -5.54 -13.65
C SER B 190 -10.45 -6.35 -12.96
N PHE B 191 -10.52 -6.20 -11.65
CA PHE B 191 -11.49 -6.87 -10.80
C PHE B 191 -12.05 -5.83 -9.83
N LEU B 192 -13.31 -5.98 -9.46
CA LEU B 192 -13.87 -5.08 -8.48
C LEU B 192 -13.45 -5.70 -7.14
N MET B 193 -13.43 -4.92 -6.05
CA MET B 193 -13.07 -5.43 -4.72
C MET B 193 -14.22 -6.27 -4.18
N HIS B 194 -15.43 -5.87 -4.56
CA HIS B 194 -16.67 -6.55 -4.19
C HIS B 194 -17.75 -6.06 -5.17
N VAL B 195 -18.90 -6.74 -5.19
CA VAL B 195 -19.99 -6.35 -6.08
C VAL B 195 -20.50 -4.96 -5.71
N GLY B 196 -20.62 -4.12 -6.73
CA GLY B 196 -21.09 -2.77 -6.53
C GLY B 196 -20.01 -1.92 -5.89
N GLY B 197 -18.77 -2.41 -5.98
CA GLY B 197 -17.65 -1.72 -5.37
C GLY B 197 -16.60 -1.15 -6.30
N GLU B 198 -15.51 -0.70 -5.69
CA GLU B 198 -14.39 -0.08 -6.41
C GLU B 198 -13.35 -1.04 -7.02
N VAL B 199 -12.55 -0.50 -7.93
CA VAL B 199 -11.49 -1.24 -8.60
C VAL B 199 -10.15 -0.58 -8.35
N ASP B 200 -9.14 -1.40 -8.07
CA ASP B 200 -7.77 -0.92 -7.90
C ASP B 200 -6.84 -2.14 -7.96
N VAL B 201 -5.53 -1.91 -8.02
CA VAL B 201 -4.55 -3.00 -8.10
C VAL B 201 -4.62 -4.07 -7.01
N ARG B 202 -5.18 -3.72 -5.85
CA ARG B 202 -5.29 -4.66 -4.74
C ARG B 202 -6.15 -5.86 -5.12
N SER B 203 -7.25 -5.59 -5.83
CA SER B 203 -8.18 -6.66 -6.20
C SER B 203 -7.55 -7.73 -7.09
N ALA B 204 -6.67 -7.30 -7.97
CA ALA B 204 -5.99 -8.20 -8.90
C ALA B 204 -5.14 -9.15 -8.09
N TYR B 205 -4.42 -8.61 -7.11
CA TYR B 205 -3.55 -9.41 -6.24
C TYR B 205 -4.32 -10.35 -5.30
N CYS B 206 -5.39 -9.84 -4.69
CA CYS B 206 -6.20 -10.66 -3.79
C CYS B 206 -6.72 -11.85 -4.57
N ALA B 207 -7.12 -11.60 -5.82
CA ALA B 207 -7.67 -12.66 -6.67
C ALA B 207 -6.59 -13.63 -7.12
N ALA B 208 -5.48 -13.12 -7.65
CA ALA B 208 -4.41 -13.97 -8.11
C ALA B 208 -3.80 -14.78 -6.96
N SER B 209 -3.84 -14.22 -5.75
CA SER B 209 -3.33 -14.89 -4.56
C SER B 209 -4.22 -16.05 -4.14
N VAL B 210 -5.52 -15.80 -3.98
CA VAL B 210 -6.46 -16.85 -3.58
C VAL B 210 -6.74 -17.90 -4.67
N ALA B 211 -6.71 -17.48 -5.93
CA ALA B 211 -6.98 -18.40 -7.03
C ALA B 211 -5.83 -19.34 -7.25
N SER B 212 -4.61 -18.81 -7.15
CA SER B 212 -3.41 -19.62 -7.32
C SER B 212 -3.21 -20.61 -6.17
N LEU B 213 -3.27 -20.12 -4.93
CA LEU B 213 -3.13 -20.98 -3.75
C LEU B 213 -4.15 -22.13 -3.75
N THR B 214 -5.39 -21.84 -4.15
CA THR B 214 -6.45 -22.85 -4.17
C THR B 214 -6.59 -23.64 -5.46
N ASN B 215 -5.79 -23.32 -6.46
CA ASN B 215 -5.81 -24.01 -7.76
C ASN B 215 -7.17 -23.90 -8.47
N ILE B 216 -7.66 -22.69 -8.68
CA ILE B 216 -8.93 -22.51 -9.36
C ILE B 216 -8.73 -21.63 -10.56
N ILE B 217 -7.49 -21.46 -10.99
CA ILE B 217 -7.24 -20.62 -12.15
C ILE B 217 -7.62 -21.28 -13.46
N THR B 218 -8.63 -20.73 -14.10
CA THR B 218 -9.09 -21.22 -15.39
C THR B 218 -8.29 -20.40 -16.40
N PRO B 219 -8.24 -20.85 -17.65
CA PRO B 219 -7.53 -20.22 -18.76
C PRO B 219 -7.82 -18.77 -19.05
N ASP B 220 -9.06 -18.37 -18.85
CA ASP B 220 -9.47 -17.00 -19.13
C ASP B 220 -9.68 -16.12 -17.89
N LEU B 221 -9.58 -16.71 -16.69
CA LEU B 221 -9.80 -15.95 -15.47
C LEU B 221 -9.02 -14.63 -15.38
N PHE B 222 -7.73 -14.66 -15.70
CA PHE B 222 -6.90 -13.46 -15.61
C PHE B 222 -6.54 -12.85 -16.94
N GLU B 223 -7.42 -13.08 -17.89
CA GLU B 223 -7.23 -12.56 -19.23
C GLU B 223 -7.23 -11.04 -19.18
N GLY B 224 -6.15 -10.44 -19.67
CA GLY B 224 -6.06 -8.99 -19.69
C GLY B 224 -5.69 -8.34 -18.37
N THR B 225 -5.55 -9.14 -17.32
CA THR B 225 -5.22 -8.59 -16.01
C THR B 225 -3.80 -8.04 -15.95
N ALA B 226 -2.87 -8.75 -16.57
CA ALA B 226 -1.47 -8.33 -16.59
C ALA B 226 -1.35 -7.00 -17.33
N GLU B 227 -2.17 -6.86 -18.36
CA GLU B 227 -2.13 -5.65 -19.16
C GLU B 227 -2.72 -4.49 -18.38
N TRP B 228 -3.79 -4.74 -17.62
CA TRP B 228 -4.40 -3.70 -16.82
C TRP B 228 -3.42 -3.19 -15.73
N ILE B 229 -2.76 -4.11 -15.03
CA ILE B 229 -1.78 -3.77 -13.99
C ILE B 229 -0.62 -2.96 -14.59
N ALA B 230 -0.17 -3.34 -15.79
CA ALA B 230 0.90 -2.62 -16.48
C ALA B 230 0.55 -1.14 -16.74
N ARG B 231 -0.74 -0.87 -16.94
CA ARG B 231 -1.21 0.49 -17.17
C ARG B 231 -1.19 1.31 -15.88
N CYS B 232 -1.05 0.63 -14.74
CA CYS B 232 -0.97 1.33 -13.45
C CYS B 232 0.44 1.79 -13.17
N GLN B 233 1.41 1.31 -13.96
CA GLN B 233 2.79 1.76 -13.77
C GLN B 233 2.88 3.13 -14.43
N ASN B 234 3.35 4.14 -13.68
CA ASN B 234 3.46 5.51 -14.18
C ASN B 234 4.89 6.03 -14.39
N TRP B 235 4.98 7.32 -14.72
CA TRP B 235 6.22 8.02 -14.97
C TRP B 235 7.28 7.89 -13.89
N GLU B 236 6.85 7.54 -12.67
CA GLU B 236 7.74 7.39 -11.53
C GLU B 236 8.45 6.04 -11.49
N GLY B 237 7.86 5.03 -12.10
CA GLY B 237 8.46 3.71 -12.07
C GLY B 237 7.64 2.82 -11.17
N GLY B 238 6.96 3.43 -10.21
CA GLY B 238 6.15 2.65 -9.29
C GLY B 238 4.77 2.43 -9.90
N ILE B 239 3.85 1.89 -9.10
CA ILE B 239 2.50 1.58 -9.56
C ILE B 239 1.43 2.26 -8.70
N GLY B 240 0.41 2.83 -9.35
CA GLY B 240 -0.68 3.51 -8.65
C GLY B 240 -1.87 2.61 -8.50
N GLY B 241 -2.88 3.03 -7.75
CA GLY B 241 -4.07 2.21 -7.55
C GLY B 241 -4.84 1.86 -8.82
N VAL B 242 -4.97 2.85 -9.69
CA VAL B 242 -5.64 2.72 -10.99
C VAL B 242 -4.80 3.59 -11.93
N PRO B 243 -4.90 3.37 -13.26
CA PRO B 243 -4.10 4.20 -14.16
C PRO B 243 -4.25 5.73 -13.98
N GLY B 244 -3.12 6.43 -13.94
CA GLY B 244 -3.12 7.87 -13.79
C GLY B 244 -2.71 8.27 -12.39
N MET B 245 -2.85 7.36 -11.43
CA MET B 245 -2.54 7.66 -10.03
C MET B 245 -1.07 7.60 -9.63
N GLU B 246 -0.76 8.37 -8.58
CA GLU B 246 0.58 8.47 -8.04
C GLU B 246 1.08 7.11 -7.62
N ALA B 247 2.36 6.84 -7.87
CA ALA B 247 2.97 5.55 -7.50
C ALA B 247 2.97 5.38 -5.99
N HIS B 248 2.52 4.21 -5.51
CA HIS B 248 2.45 3.94 -4.08
C HIS B 248 2.97 2.55 -3.73
N GLY B 249 3.57 2.42 -2.55
CA GLY B 249 4.13 1.17 -2.10
C GLY B 249 3.16 0.00 -1.92
N GLY B 250 1.98 0.27 -1.35
CA GLY B 250 1.02 -0.81 -1.17
C GLY B 250 0.53 -1.33 -2.52
N TYR B 251 0.21 -0.42 -3.43
CA TYR B 251 -0.26 -0.78 -4.76
C TYR B 251 0.83 -1.39 -5.59
N THR B 252 2.05 -0.87 -5.48
CA THR B 252 3.18 -1.43 -6.23
C THR B 252 3.48 -2.90 -5.84
N PHE B 253 3.38 -3.22 -4.55
CA PHE B 253 3.62 -4.59 -4.12
C PHE B 253 2.53 -5.46 -4.76
N CYS B 254 1.26 -5.05 -4.63
CA CYS B 254 0.12 -5.82 -5.17
C CYS B 254 0.24 -6.05 -6.66
N GLY B 255 0.65 -5.03 -7.40
CA GLY B 255 0.82 -5.12 -8.84
C GLY B 255 1.94 -6.05 -9.22
N LEU B 256 3.12 -5.89 -8.64
CA LEU B 256 4.24 -6.77 -8.97
C LEU B 256 4.03 -8.22 -8.52
N ALA B 257 3.52 -8.42 -7.31
CA ALA B 257 3.29 -9.76 -6.77
C ALA B 257 2.25 -10.50 -7.59
N ALA B 258 1.24 -9.77 -8.06
CA ALA B 258 0.20 -10.35 -8.88
C ALA B 258 0.79 -10.80 -10.22
N LEU B 259 1.67 -9.97 -10.78
CA LEU B 259 2.33 -10.30 -12.03
C LEU B 259 3.23 -11.53 -11.90
N VAL B 260 3.90 -11.68 -10.77
CA VAL B 260 4.77 -12.81 -10.51
C VAL B 260 3.91 -14.06 -10.48
N ILE B 261 2.74 -13.97 -9.84
CA ILE B 261 1.82 -15.10 -9.77
C ILE B 261 1.40 -15.52 -11.19
N LEU B 262 1.10 -14.54 -12.04
CA LEU B 262 0.66 -14.80 -13.40
C LEU B 262 1.84 -15.00 -14.38
N LYS B 263 3.06 -14.87 -13.87
CA LYS B 263 4.26 -15.03 -14.69
C LYS B 263 4.32 -14.04 -15.83
N LYS B 264 3.92 -12.80 -15.54
CA LYS B 264 3.92 -11.72 -16.53
C LYS B 264 4.70 -10.50 -16.04
N GLU B 265 5.61 -10.70 -15.10
CA GLU B 265 6.41 -9.59 -14.53
C GLU B 265 7.02 -8.75 -15.65
N ARG B 266 7.31 -9.39 -16.77
CA ARG B 266 7.92 -8.70 -17.89
C ARG B 266 7.05 -7.62 -18.50
N SER B 267 5.76 -7.59 -18.15
CA SER B 267 4.83 -6.58 -18.67
C SER B 267 5.12 -5.19 -18.07
N LEU B 268 5.98 -5.16 -17.05
CA LEU B 268 6.37 -3.92 -16.39
C LEU B 268 7.78 -3.53 -16.78
N ASN B 269 8.11 -2.26 -16.59
CA ASN B 269 9.45 -1.81 -16.84
C ASN B 269 10.11 -2.06 -15.49
N LEU B 270 10.69 -3.24 -15.32
CA LEU B 270 11.33 -3.65 -14.10
C LEU B 270 12.47 -2.76 -13.65
N LYS B 271 13.12 -2.10 -14.59
CA LYS B 271 14.23 -1.24 -14.21
C LYS B 271 13.78 0.06 -13.59
N SER B 272 12.78 0.70 -14.17
CA SER B 272 12.26 1.95 -13.62
C SER B 272 11.61 1.67 -12.27
N LEU B 273 11.03 0.49 -12.13
CA LEU B 273 10.39 0.07 -10.89
C LEU B 273 11.48 -0.16 -9.83
N LEU B 274 12.57 -0.82 -10.23
CA LEU B 274 13.67 -1.08 -9.31
C LEU B 274 14.25 0.22 -8.81
N GLN B 275 14.31 1.21 -9.69
CA GLN B 275 14.85 2.50 -9.31
C GLN B 275 13.87 3.24 -8.40
N TRP B 276 12.57 3.10 -8.65
CA TRP B 276 11.59 3.77 -7.81
C TRP B 276 11.55 3.22 -6.38
N VAL B 277 11.49 1.91 -6.22
CA VAL B 277 11.40 1.30 -4.90
C VAL B 277 12.64 1.52 -4.04
N THR B 278 13.82 1.40 -4.63
CA THR B 278 15.06 1.62 -3.87
C THR B 278 15.18 3.09 -3.45
N SER B 279 14.57 3.98 -4.23
CA SER B 279 14.57 5.42 -3.88
C SER B 279 13.63 5.71 -2.72
N ARG B 280 12.85 4.72 -2.32
CA ARG B 280 11.88 4.91 -1.24
C ARG B 280 12.46 4.63 0.14
N GLN B 281 13.68 4.10 0.20
CA GLN B 281 14.28 3.86 1.51
C GLN B 281 14.82 5.20 1.96
N MET B 282 14.45 5.58 3.19
CA MET B 282 14.86 6.85 3.77
C MET B 282 16.34 6.80 4.18
N ARG B 283 17.18 7.66 3.58
CA ARG B 283 18.61 7.69 3.88
C ARG B 283 18.93 7.90 5.37
N PHE B 284 18.09 8.66 6.06
CA PHE B 284 18.31 8.91 7.48
C PHE B 284 17.61 7.91 8.37
N GLU B 285 16.31 7.78 8.23
CA GLU B 285 15.54 6.89 9.09
C GLU B 285 15.84 5.42 8.83
N GLY B 286 16.14 5.07 7.59
CA GLY B 286 16.44 3.68 7.28
C GLY B 286 15.24 2.85 6.89
N GLY B 287 14.05 3.31 7.27
CA GLY B 287 12.83 2.62 6.90
C GLY B 287 12.35 3.14 5.55
N PHE B 288 11.23 2.62 5.06
CA PHE B 288 10.68 3.04 3.77
C PHE B 288 9.46 3.97 3.86
N GLN B 289 9.38 4.88 2.90
CA GLN B 289 8.25 5.80 2.76
C GLN B 289 7.32 5.17 1.70
N GLY B 290 6.04 5.51 1.76
CA GLY B 290 5.07 4.94 0.84
C GLY B 290 5.10 5.50 -0.55
N ARG B 291 5.40 6.78 -0.66
CA ARG B 291 5.48 7.47 -1.94
C ARG B 291 6.48 8.61 -1.81
N CYS B 292 7.05 9.05 -2.92
CA CYS B 292 8.04 10.12 -2.89
C CYS B 292 7.58 11.36 -2.13
N ASN B 293 8.47 11.88 -1.30
CA ASN B 293 8.20 13.08 -0.49
C ASN B 293 7.19 12.96 0.64
N LYS B 294 6.94 11.72 1.08
CA LYS B 294 6.06 11.50 2.20
C LYS B 294 6.91 10.93 3.36
N LEU B 295 6.30 10.62 4.49
CA LEU B 295 7.06 10.16 5.64
C LEU B 295 7.31 8.68 5.67
N VAL B 296 8.34 8.29 6.42
CA VAL B 296 8.69 6.89 6.58
C VAL B 296 7.56 6.24 7.34
N ASP B 297 7.38 4.93 7.21
CA ASP B 297 6.34 4.24 7.93
C ASP B 297 6.73 2.78 8.03
N GLY B 298 6.60 2.24 9.23
CA GLY B 298 6.99 0.87 9.47
C GLY B 298 6.33 -0.21 8.64
N CYS B 299 5.06 -0.06 8.27
CA CYS B 299 4.39 -1.11 7.49
C CYS B 299 5.00 -1.26 6.12
N TYR B 300 5.60 -0.18 5.62
CA TYR B 300 6.26 -0.23 4.34
C TYR B 300 7.54 -1.05 4.38
N SER B 301 7.92 -1.53 5.56
CA SER B 301 9.09 -2.39 5.66
C SER B 301 8.79 -3.62 4.84
N PHE B 302 7.49 -3.95 4.72
CA PHE B 302 7.08 -5.08 3.90
C PHE B 302 6.64 -4.75 2.47
N TRP B 303 5.69 -3.82 2.29
CA TRP B 303 5.21 -3.48 0.96
C TRP B 303 6.29 -3.03 0.01
N GLN B 304 7.19 -2.17 0.49
CA GLN B 304 8.28 -1.66 -0.34
C GLN B 304 9.45 -2.63 -0.36
N ALA B 305 9.98 -2.97 0.82
CA ALA B 305 11.12 -3.88 0.90
C ALA B 305 10.80 -5.24 0.35
N GLY B 306 9.53 -5.63 0.44
CA GLY B 306 9.08 -6.93 -0.06
C GLY B 306 9.19 -7.04 -1.58
N LEU B 307 9.27 -5.89 -2.23
CA LEU B 307 9.40 -5.82 -3.68
C LEU B 307 10.76 -6.26 -4.18
N LEU B 308 11.82 -6.02 -3.39
CA LEU B 308 13.17 -6.40 -3.79
C LEU B 308 13.34 -7.90 -4.05
N PRO B 309 12.84 -8.76 -3.15
CA PRO B 309 12.99 -10.20 -3.42
C PRO B 309 12.24 -10.53 -4.72
N LEU B 310 11.10 -9.89 -4.94
CA LEU B 310 10.28 -10.11 -6.15
C LEU B 310 11.00 -9.70 -7.42
N LEU B 311 11.64 -8.52 -7.38
CA LEU B 311 12.40 -8.01 -8.51
C LEU B 311 13.64 -8.86 -8.73
N HIS B 312 14.17 -9.42 -7.66
CA HIS B 312 15.35 -10.28 -7.70
C HIS B 312 15.01 -11.53 -8.51
N ARG B 313 13.94 -12.19 -8.10
CA ARG B 313 13.44 -13.39 -8.73
C ARG B 313 13.17 -13.14 -10.21
N ALA B 314 12.49 -12.04 -10.52
CA ALA B 314 12.17 -11.69 -11.90
C ALA B 314 13.36 -11.39 -12.82
N LEU B 315 14.25 -10.53 -12.36
CA LEU B 315 15.42 -10.16 -13.15
C LEU B 315 16.32 -11.36 -13.35
N HIS B 316 16.36 -12.20 -12.32
CA HIS B 316 17.16 -13.40 -12.34
C HIS B 316 16.52 -14.38 -13.32
N ALA B 317 15.19 -14.31 -13.45
CA ALA B 317 14.47 -15.18 -14.39
C ALA B 317 14.86 -14.76 -15.79
N GLN B 318 15.21 -13.48 -15.93
CA GLN B 318 15.64 -12.93 -17.21
C GLN B 318 17.14 -13.21 -17.38
N GLY B 319 17.72 -13.97 -16.45
CA GLY B 319 19.12 -14.30 -16.50
C GLY B 319 20.05 -13.12 -16.26
N ASP B 320 19.68 -12.24 -15.34
CA ASP B 320 20.50 -11.08 -15.05
C ASP B 320 21.78 -11.58 -14.37
N PRO B 321 22.94 -11.28 -14.97
CA PRO B 321 24.24 -11.69 -14.43
C PRO B 321 24.81 -10.81 -13.32
N ALA B 322 24.35 -9.55 -13.21
CA ALA B 322 24.86 -8.62 -12.21
C ALA B 322 24.19 -8.62 -10.83
N LEU B 323 23.22 -9.51 -10.61
CA LEU B 323 22.52 -9.57 -9.34
C LEU B 323 23.34 -10.15 -8.18
N SER B 324 23.24 -9.54 -7.00
CA SER B 324 23.96 -10.01 -5.81
C SER B 324 23.62 -11.46 -5.45
N MET B 325 24.58 -12.12 -4.79
CA MET B 325 24.40 -13.50 -4.38
C MET B 325 24.26 -13.66 -2.89
N SER B 326 24.09 -12.53 -2.19
CA SER B 326 23.97 -12.55 -0.72
C SER B 326 22.99 -11.51 -0.15
N HIS B 327 22.68 -10.49 -0.94
CA HIS B 327 21.82 -9.42 -0.46
C HIS B 327 20.72 -8.91 -1.41
N TRP B 328 19.66 -8.37 -0.81
CA TRP B 328 18.56 -7.77 -1.55
C TRP B 328 19.06 -6.37 -1.95
N MET B 329 18.42 -5.74 -2.94
CA MET B 329 18.85 -4.42 -3.37
C MET B 329 18.31 -3.23 -2.57
N PHE B 330 18.44 -3.31 -1.26
CA PHE B 330 18.05 -2.25 -0.34
C PHE B 330 18.94 -2.46 0.88
N HIS B 331 19.04 -1.46 1.75
CA HIS B 331 19.90 -1.61 2.91
C HIS B 331 19.25 -2.44 4.01
N GLN B 332 19.56 -3.72 4.06
CA GLN B 332 18.97 -4.63 5.06
C GLN B 332 19.27 -4.25 6.51
N GLN B 333 20.48 -3.72 6.73
CA GLN B 333 20.92 -3.34 8.06
C GLN B 333 20.13 -2.13 8.61
N ALA B 334 20.07 -1.05 7.81
CA ALA B 334 19.35 0.16 8.19
C ALA B 334 17.87 -0.11 8.42
N LEU B 335 17.26 -0.96 7.58
CA LEU B 335 15.86 -1.26 7.77
C LEU B 335 15.65 -2.02 9.09
N GLN B 336 16.47 -3.04 9.33
CA GLN B 336 16.35 -3.80 10.58
C GLN B 336 16.55 -2.93 11.80
N GLU B 337 17.40 -1.91 11.66
CA GLU B 337 17.67 -0.97 12.75
C GLU B 337 16.47 -0.04 13.01
N TYR B 338 15.87 0.48 11.94
CA TYR B 338 14.68 1.34 12.06
C TYR B 338 13.58 0.54 12.77
N ILE B 339 13.28 -0.66 12.26
CA ILE B 339 12.27 -1.51 12.86
C ILE B 339 12.56 -1.78 14.35
N LEU B 340 13.75 -2.31 14.66
CA LEU B 340 14.10 -2.64 16.05
C LEU B 340 14.19 -1.47 17.04
N MET B 341 14.77 -0.35 16.61
CA MET B 341 14.88 0.80 17.51
C MET B 341 13.65 1.70 17.53
N CYS B 342 13.07 1.93 16.35
CA CYS B 342 11.93 2.82 16.23
C CYS B 342 10.51 2.28 16.15
N CYS B 343 10.32 1.02 15.76
CA CYS B 343 8.96 0.50 15.61
C CYS B 343 8.39 -0.50 16.62
N GLN B 344 8.98 -0.62 17.81
CA GLN B 344 8.43 -1.55 18.78
C GLN B 344 7.81 -0.82 19.92
N CYS B 345 6.69 -1.34 20.38
CA CYS B 345 6.00 -0.77 21.52
C CYS B 345 6.51 -1.61 22.69
N PRO B 346 7.02 -0.95 23.75
CA PRO B 346 7.55 -1.61 24.93
C PRO B 346 6.54 -2.62 25.48
N ALA B 347 5.26 -2.20 25.51
CA ALA B 347 4.16 -3.03 25.98
C ALA B 347 3.85 -4.25 25.09
N GLY B 348 4.47 -4.31 23.92
CA GLY B 348 4.22 -5.41 23.00
C GLY B 348 3.53 -4.84 21.79
N GLY B 349 3.85 -5.34 20.61
CA GLY B 349 3.26 -4.81 19.38
C GLY B 349 4.20 -3.84 18.69
N LEU B 350 4.04 -3.71 17.37
CA LEU B 350 4.88 -2.81 16.58
C LEU B 350 4.09 -1.65 16.00
N LEU B 351 4.79 -0.65 15.46
CA LEU B 351 4.11 0.52 14.97
C LEU B 351 4.72 1.28 13.79
N ASP B 352 3.92 2.21 13.29
CA ASP B 352 4.26 3.08 12.19
C ASP B 352 5.61 3.75 12.43
N LYS B 353 5.67 4.61 13.43
CA LYS B 353 6.90 5.33 13.75
C LYS B 353 6.82 5.77 15.20
N PRO B 354 7.93 6.24 15.78
CA PRO B 354 7.91 6.69 17.18
C PRO B 354 6.80 7.71 17.45
N GLY B 355 6.03 7.45 18.49
CA GLY B 355 4.93 8.33 18.81
C GLY B 355 3.58 7.80 18.36
N LYS B 356 3.61 6.85 17.42
CA LYS B 356 2.39 6.23 16.91
C LYS B 356 1.96 5.10 17.84
N SER B 357 0.71 4.71 17.73
CA SER B 357 0.18 3.63 18.55
C SER B 357 0.34 2.29 17.86
N ARG B 358 0.50 1.25 18.66
CA ARG B 358 0.65 -0.09 18.14
C ARG B 358 -0.70 -0.56 17.62
N ASP B 359 -0.65 -1.53 16.72
CA ASP B 359 -1.84 -2.14 16.17
C ASP B 359 -1.39 -3.45 15.55
N PHE B 360 -2.35 -4.35 15.31
CA PHE B 360 -2.04 -5.65 14.74
C PHE B 360 -1.56 -5.62 13.30
N TYR B 361 -1.96 -4.58 12.56
CA TYR B 361 -1.57 -4.38 11.17
C TYR B 361 -0.06 -4.16 11.13
N HIS B 362 0.40 -3.20 11.92
CA HIS B 362 1.81 -2.86 12.01
C HIS B 362 2.66 -3.95 12.62
N THR B 363 2.09 -4.74 13.52
CA THR B 363 2.83 -5.85 14.12
C THR B 363 3.10 -6.88 13.02
N CYS B 364 2.08 -7.15 12.20
CA CYS B 364 2.23 -8.11 11.12
C CYS B 364 3.25 -7.63 10.09
N TYR B 365 3.14 -6.38 9.68
CA TYR B 365 4.04 -5.88 8.64
C TYR B 365 5.44 -5.47 9.05
N CYS B 366 5.61 -5.06 10.29
CA CYS B 366 6.94 -4.69 10.77
C CYS B 366 7.70 -6.00 10.89
N LEU B 367 7.03 -7.02 11.44
CA LEU B 367 7.66 -8.33 11.57
C LEU B 367 7.91 -8.93 10.20
N SER B 368 6.95 -8.78 9.29
CA SER B 368 7.11 -9.31 7.94
C SER B 368 8.29 -8.66 7.23
N GLY B 369 8.41 -7.35 7.40
CA GLY B 369 9.51 -6.63 6.78
C GLY B 369 10.84 -6.99 7.42
N LEU B 370 10.83 -7.30 8.72
CA LEU B 370 12.08 -7.67 9.40
C LEU B 370 12.60 -8.99 8.81
N SER B 371 11.71 -9.98 8.71
CA SER B 371 12.04 -11.28 8.15
C SER B 371 12.60 -11.15 6.74
N ILE B 372 11.94 -10.36 5.89
CA ILE B 372 12.45 -10.14 4.53
C ILE B 372 13.90 -9.60 4.63
N ALA B 373 14.10 -8.68 5.57
CA ALA B 373 15.38 -8.02 5.80
C ALA B 373 16.51 -8.95 6.32
N GLN B 374 16.12 -9.95 7.09
CA GLN B 374 17.07 -10.90 7.63
C GLN B 374 17.45 -12.00 6.64
N HIS B 375 16.47 -12.53 5.92
CA HIS B 375 16.71 -13.63 5.02
C HIS B 375 16.85 -13.36 3.54
N PHE B 376 17.98 -13.76 2.98
CA PHE B 376 18.22 -13.63 1.54
C PHE B 376 18.26 -15.04 0.92
N GLY B 377 17.88 -15.13 -0.35
CA GLY B 377 17.88 -16.41 -1.05
C GLY B 377 17.73 -16.19 -2.54
N SER B 378 18.46 -16.99 -3.32
CA SER B 378 18.43 -16.92 -4.79
C SER B 378 18.94 -18.22 -5.38
N GLY B 379 18.05 -19.20 -5.41
CA GLY B 379 18.40 -20.51 -5.93
C GLY B 379 19.09 -21.32 -4.86
N ALA B 380 20.41 -21.46 -5.02
CA ALA B 380 21.24 -22.21 -4.08
C ALA B 380 21.79 -21.30 -2.98
N MET B 381 21.78 -19.99 -3.23
CA MET B 381 22.27 -19.00 -2.28
C MET B 381 21.29 -18.72 -1.13
N LEU B 382 21.85 -18.58 0.06
CA LEU B 382 21.09 -18.27 1.27
C LEU B 382 21.99 -17.44 2.16
N HIS B 383 21.58 -16.22 2.48
CA HIS B 383 22.42 -15.39 3.32
C HIS B 383 21.62 -14.52 4.30
N ASP B 384 21.67 -14.88 5.57
CA ASP B 384 20.99 -14.14 6.59
C ASP B 384 21.80 -12.95 7.09
N VAL B 385 21.11 -12.01 7.70
CA VAL B 385 21.68 -10.81 8.29
C VAL B 385 20.73 -10.46 9.44
N VAL B 386 21.09 -10.87 10.65
CA VAL B 386 20.28 -10.63 11.84
C VAL B 386 20.98 -9.58 12.70
N MET B 387 20.44 -8.36 12.72
CA MET B 387 20.99 -7.27 13.52
C MET B 387 20.54 -7.46 14.96
N GLY B 388 21.40 -7.06 15.90
CA GLY B 388 21.10 -7.25 17.31
C GLY B 388 21.32 -8.68 17.79
N VAL B 389 20.64 -9.07 18.87
CA VAL B 389 20.81 -10.42 19.39
C VAL B 389 20.27 -11.43 18.39
N PRO B 390 20.98 -12.54 18.18
CA PRO B 390 20.60 -13.60 17.24
C PRO B 390 19.22 -14.21 17.50
N GLU B 391 18.66 -13.99 18.68
CA GLU B 391 17.32 -14.49 18.98
C GLU B 391 16.31 -13.64 18.17
N ASN B 392 16.83 -12.57 17.56
CA ASN B 392 16.04 -11.67 16.75
C ASN B 392 15.54 -12.33 15.45
N VAL B 393 16.29 -13.31 14.95
CA VAL B 393 15.94 -14.02 13.72
C VAL B 393 14.54 -14.61 13.78
N LEU B 394 13.74 -14.30 12.75
CA LEU B 394 12.35 -14.76 12.68
C LEU B 394 12.21 -15.85 11.62
N GLN B 395 11.06 -16.51 11.63
CA GLN B 395 10.78 -17.51 10.60
C GLN B 395 10.67 -16.77 9.28
N PRO B 396 11.10 -17.40 8.17
CA PRO B 396 11.00 -16.71 6.87
C PRO B 396 9.57 -16.55 6.30
N THR B 397 9.42 -15.54 5.44
CA THR B 397 8.12 -15.25 4.82
C THR B 397 8.23 -15.25 3.29
N HIS B 398 7.23 -15.82 2.63
CA HIS B 398 7.22 -15.89 1.17
C HIS B 398 6.83 -14.49 0.68
N PRO B 399 7.70 -13.83 -0.10
CA PRO B 399 7.45 -12.48 -0.61
C PRO B 399 6.20 -12.22 -1.48
N VAL B 400 5.62 -13.28 -2.06
CA VAL B 400 4.43 -13.10 -2.86
C VAL B 400 3.17 -13.14 -2.01
N TYR B 401 3.03 -14.20 -1.20
CA TYR B 401 1.86 -14.42 -0.35
C TYR B 401 1.92 -13.85 1.07
N ASN B 402 3.13 -13.61 1.52
CA ASN B 402 3.39 -13.14 2.88
C ASN B 402 2.88 -14.08 3.97
N ILE B 403 3.10 -15.37 3.75
CA ILE B 403 2.81 -16.42 4.74
C ILE B 403 4.05 -17.29 4.62
N GLY B 404 4.34 -18.11 5.63
CA GLY B 404 5.52 -18.96 5.58
C GLY B 404 5.64 -19.77 4.30
N PRO B 405 6.82 -19.79 3.67
CA PRO B 405 7.12 -20.52 2.42
C PRO B 405 6.64 -21.97 2.44
N ASP B 406 6.77 -22.61 3.60
CA ASP B 406 6.34 -23.97 3.79
C ASP B 406 4.85 -24.09 3.59
N LYS B 407 4.12 -23.11 4.15
CA LYS B 407 2.65 -23.04 4.06
C LYS B 407 2.21 -22.91 2.62
N VAL B 408 2.97 -22.18 1.82
CA VAL B 408 2.66 -21.99 0.42
C VAL B 408 2.79 -23.32 -0.30
N ILE B 409 3.96 -23.95 -0.17
CA ILE B 409 4.21 -25.24 -0.81
C ILE B 409 3.17 -26.22 -0.35
N GLN B 410 2.89 -26.23 0.94
CA GLN B 410 1.92 -27.14 1.49
C GLN B 410 0.49 -26.94 0.96
N ALA B 411 0.06 -25.68 0.89
CA ALA B 411 -1.29 -25.39 0.44
C ALA B 411 -1.46 -25.67 -1.05
N THR B 412 -0.52 -25.22 -1.86
CA THR B 412 -0.61 -25.43 -3.31
C THR B 412 -0.58 -26.93 -3.66
N THR B 413 0.27 -27.70 -3.01
CA THR B 413 0.33 -29.13 -3.26
C THR B 413 -1.01 -29.77 -2.89
N HIS B 414 -1.59 -29.35 -1.79
CA HIS B 414 -2.85 -29.91 -1.37
C HIS B 414 -3.92 -29.66 -2.41
N PHE B 415 -4.11 -28.40 -2.76
CA PHE B 415 -5.15 -28.03 -3.71
C PHE B 415 -4.94 -28.52 -5.13
N LEU B 416 -3.69 -28.88 -5.44
CA LEU B 416 -3.38 -29.44 -6.75
C LEU B 416 -3.93 -30.86 -6.85
N GLN B 417 -4.31 -31.46 -5.71
CA GLN B 417 -4.90 -32.79 -5.69
C GLN B 417 -6.30 -32.61 -6.24
N LYS B 418 -6.84 -31.42 -6.07
CA LYS B 418 -8.15 -31.11 -6.55
C LYS B 418 -8.03 -30.55 -7.97
N PRO B 419 -9.04 -30.78 -8.80
CA PRO B 419 -8.99 -30.26 -10.17
C PRO B 419 -9.59 -28.86 -10.17
N VAL B 420 -9.29 -28.08 -11.21
CA VAL B 420 -9.83 -26.73 -11.34
C VAL B 420 -11.33 -26.85 -11.64
N PRO B 421 -12.20 -26.18 -10.84
CA PRO B 421 -13.65 -26.24 -11.06
C PRO B 421 -14.02 -25.94 -12.51
N GLY B 422 -14.73 -26.85 -13.16
CA GLY B 422 -15.09 -26.67 -14.55
C GLY B 422 -16.36 -25.89 -14.86
N PHE B 423 -17.28 -25.87 -13.90
CA PHE B 423 -18.57 -25.19 -14.06
C PHE B 423 -19.60 -25.95 -14.92
ZN ZN C . 1.93 1.99 8.04
C20 GRG D . -5.39 -5.43 0.53
C19 GRG D . -3.73 -7.31 -0.08
C18 GRG D . -3.98 -5.87 0.26
C17 GRG D . -2.95 -5.00 0.35
C16 GRG D . -3.11 -3.54 0.69
C14 GRG D . -1.18 -0.78 2.01
C13 GRG D . -1.79 -1.37 0.77
C15 GRG D . -1.75 -2.88 0.56
C12 GRG D . -2.37 -0.57 -0.13
C11 GRG D . -2.39 0.94 0.08
C9 GRG D . -3.77 1.42 -0.16
C8 GRG D . -3.77 2.87 -0.59
C10 GRG D . -2.49 3.50 -1.08
C7 GRG D . -4.91 3.58 -0.53
C6 GRG D . -4.96 5.02 -0.95
C5 GRG D . -5.54 5.88 0.15
C3 GRG D . -4.55 6.05 1.28
C4 GRG D . -5.14 6.27 2.67
C2 GRG D . -3.21 6.02 1.06
C1 GRG D . -2.20 6.19 2.16
O1 GRG D . -2.31 7.56 2.61
PA GRG D . -1.48 8.02 3.81
O1A GRG D . -1.29 9.50 3.83
O3A GRG D . -0.12 7.23 3.76
O2A GRG D . -2.23 7.51 5.07
PB GRG D . 1.20 7.53 2.96
O1B GRG D . 0.88 7.12 1.50
O2B GRG D . 1.64 8.96 3.07
O3B GRG D . 2.23 6.54 3.57
#